data_2GSL
#
_entry.id   2GSL
#
_cell.length_a   61.304
_cell.length_b   108.751
_cell.length_c   80.495
_cell.angle_alpha   90.00
_cell.angle_beta   108.59
_cell.angle_gamma   90.00
#
_symmetry.space_group_name_H-M   'P 1 21 1'
#
loop_
_entity.id
_entity.type
_entity.pdbx_description
1 polymer 'Hypothetical protein'
2 non-polymer 'MAGNESIUM ION'
3 water water
#
_entity_poly.entity_id   1
_entity_poly.type   'polypeptide(L)'
_entity_poly.pdbx_seq_one_letter_code
;(MSE)DNVDFSKDIRDYSGLELAFLGDAIWELEIRKYYLQFGYNIPTLNKYVKAKVNAKYQSLIYKKIINDLDEEFKVIG
KRAKNSNIKTFPRSCTV(MSE)EYKEATALEAIIGA(MSE)YLLKKEEEIKKIINIVIKGELEHHHHHH
;
_entity_poly.pdbx_strand_id   A,B,C,D,E,F
#
loop_
_chem_comp.id
_chem_comp.type
_chem_comp.name
_chem_comp.formula
MG non-polymer 'MAGNESIUM ION' 'Mg 2'
#
# COMPACT_ATOMS: atom_id res chain seq x y z
N ASP A 5 23.55 -33.08 -3.10
CA ASP A 5 23.68 -32.14 -4.25
C ASP A 5 23.17 -32.83 -5.51
N PHE A 6 22.85 -32.03 -6.53
CA PHE A 6 22.34 -32.58 -7.78
C PHE A 6 23.47 -32.75 -8.79
N SER A 7 23.10 -32.82 -10.08
CA SER A 7 24.06 -32.98 -11.17
C SER A 7 23.94 -31.80 -12.13
N LYS A 8 24.78 -31.78 -13.17
CA LYS A 8 24.74 -30.69 -14.15
C LYS A 8 23.44 -30.72 -14.95
N ASP A 9 23.09 -29.60 -15.55
CA ASP A 9 21.86 -29.47 -16.34
C ASP A 9 21.86 -30.44 -17.50
N ILE A 10 23.05 -30.94 -17.83
CA ILE A 10 23.17 -31.90 -18.92
C ILE A 10 23.74 -33.19 -18.36
N ARG A 11 24.33 -33.11 -17.16
CA ARG A 11 24.91 -34.28 -16.50
C ARG A 11 23.94 -35.45 -16.50
N ASP A 12 22.68 -35.14 -16.22
CA ASP A 12 21.66 -36.17 -16.21
C ASP A 12 20.30 -35.53 -15.95
N TYR A 13 20.04 -34.42 -16.65
CA TYR A 13 18.75 -33.71 -16.52
C TYR A 13 18.05 -33.61 -17.87
N SER A 14 16.88 -34.22 -17.99
CA SER A 14 16.13 -34.17 -19.24
C SER A 14 15.38 -32.85 -19.30
N GLY A 15 15.05 -32.41 -20.51
CA GLY A 15 14.33 -31.16 -20.66
C GLY A 15 12.96 -31.22 -20.01
N LEU A 16 12.47 -32.43 -19.80
CA LEU A 16 11.17 -32.64 -19.20
C LEU A 16 11.25 -32.52 -17.70
N GLU A 17 12.42 -32.82 -17.14
CA GLU A 17 12.59 -32.71 -15.71
C GLU A 17 12.73 -31.27 -15.30
N LEU A 18 13.46 -30.51 -16.12
CA LEU A 18 13.66 -29.10 -15.83
C LEU A 18 12.33 -28.37 -15.98
N ALA A 19 11.64 -28.63 -17.08
CA ALA A 19 10.35 -27.99 -17.35
C ALA A 19 9.36 -28.24 -16.21
N PHE A 20 9.54 -29.35 -15.51
CA PHE A 20 8.68 -29.73 -14.39
C PHE A 20 8.97 -28.78 -13.23
N LEU A 21 10.25 -28.56 -12.98
CA LEU A 21 10.68 -27.68 -11.94
C LEU A 21 10.37 -26.25 -12.38
N GLY A 22 10.73 -25.92 -13.63
CA GLY A 22 10.49 -24.59 -14.16
C GLY A 22 9.04 -24.15 -14.04
N ASP A 23 8.12 -25.08 -14.25
CA ASP A 23 6.68 -24.82 -14.17
C ASP A 23 6.31 -24.28 -12.79
N ALA A 24 6.76 -24.99 -11.75
CA ALA A 24 6.50 -24.59 -10.37
C ALA A 24 7.13 -23.22 -10.07
N ILE A 25 8.31 -23.00 -10.64
CA ILE A 25 9.05 -21.75 -10.43
C ILE A 25 8.27 -20.60 -11.07
N TRP A 26 7.72 -20.85 -12.25
CA TRP A 26 6.95 -19.85 -12.98
C TRP A 26 5.70 -19.50 -12.22
N GLU A 27 4.93 -20.50 -11.79
CA GLU A 27 3.71 -20.19 -11.04
C GLU A 27 4.04 -19.27 -9.88
N LEU A 28 4.97 -19.71 -9.03
CA LEU A 28 5.38 -18.94 -7.85
C LEU A 28 5.61 -17.47 -8.13
N GLU A 29 6.48 -17.18 -9.09
CA GLU A 29 6.77 -15.81 -9.44
C GLU A 29 5.50 -15.07 -9.89
N ILE A 30 4.69 -15.70 -10.73
CA ILE A 30 3.45 -15.05 -11.20
C ILE A 30 2.48 -14.79 -10.05
N ARG A 31 2.26 -15.77 -9.20
CA ARG A 31 1.33 -15.54 -8.10
C ARG A 31 1.85 -14.43 -7.21
N LYS A 32 3.17 -14.41 -6.97
CA LYS A 32 3.78 -13.40 -6.12
C LYS A 32 3.45 -11.98 -6.57
N TYR A 33 3.74 -11.68 -7.84
CA TYR A 33 3.49 -10.37 -8.41
C TYR A 33 2.03 -9.97 -8.35
N TYR A 34 1.12 -10.91 -8.58
CA TYR A 34 -0.28 -10.57 -8.57
C TYR A 34 -0.86 -10.59 -7.18
N LEU A 35 -0.18 -11.25 -6.25
CA LEU A 35 -0.68 -11.34 -4.88
C LEU A 35 -0.35 -10.09 -4.09
N GLN A 36 -0.05 -9.00 -4.77
CA GLN A 36 0.32 -7.78 -4.08
C GLN A 36 -0.63 -6.63 -4.38
N PHE A 37 -1.65 -6.92 -5.17
CA PHE A 37 -2.59 -5.88 -5.54
C PHE A 37 -3.84 -5.83 -4.69
N GLY A 38 -4.24 -6.97 -4.15
CA GLY A 38 -5.43 -6.99 -3.32
C GLY A 38 -6.65 -7.59 -4.00
N TYR A 39 -6.44 -8.17 -5.18
CA TYR A 39 -7.53 -8.78 -5.91
C TYR A 39 -8.16 -9.86 -5.04
N ASN A 40 -9.36 -10.31 -5.42
CA ASN A 40 -10.07 -11.36 -4.71
C ASN A 40 -9.68 -12.65 -5.42
N ILE A 41 -9.91 -13.79 -4.78
CA ILE A 41 -9.53 -15.06 -5.37
C ILE A 41 -9.89 -15.23 -6.83
N PRO A 42 -11.19 -15.14 -7.17
CA PRO A 42 -11.59 -15.30 -8.57
C PRO A 42 -10.78 -14.44 -9.52
N THR A 43 -10.63 -13.16 -9.20
CA THR A 43 -9.87 -12.25 -10.05
C THR A 43 -8.37 -12.60 -10.08
N LEU A 44 -7.81 -12.78 -8.90
CA LEU A 44 -6.41 -13.15 -8.75
C LEU A 44 -6.07 -14.34 -9.64
N ASN A 45 -6.84 -15.41 -9.48
CA ASN A 45 -6.67 -16.63 -10.25
C ASN A 45 -6.74 -16.35 -11.75
N LYS A 46 -7.69 -15.52 -12.16
CA LYS A 46 -7.86 -15.16 -13.56
C LYS A 46 -6.60 -14.52 -14.16
N TYR A 47 -5.97 -13.60 -13.42
CA TYR A 47 -4.75 -12.94 -13.90
C TYR A 47 -3.55 -13.90 -13.93
N VAL A 48 -3.54 -14.86 -13.01
CA VAL A 48 -2.47 -15.83 -12.92
C VAL A 48 -2.52 -16.77 -14.12
N LYS A 49 -3.69 -17.35 -14.37
CA LYS A 49 -3.87 -18.29 -15.48
C LYS A 49 -3.53 -17.64 -16.80
N ALA A 50 -3.72 -16.33 -16.87
CA ALA A 50 -3.45 -15.61 -18.09
C ALA A 50 -1.97 -15.68 -18.45
N LYS A 51 -1.08 -15.60 -17.48
CA LYS A 51 0.35 -15.64 -17.82
C LYS A 51 1.01 -16.95 -17.47
N VAL A 52 0.21 -17.95 -17.16
CA VAL A 52 0.73 -19.25 -16.80
C VAL A 52 0.45 -20.31 -17.89
N ASN A 53 -0.32 -19.97 -18.91
CA ASN A 53 -0.67 -20.93 -19.98
C ASN A 53 0.38 -21.06 -21.07
N ALA A 54 0.33 -22.17 -21.80
CA ALA A 54 1.30 -22.42 -22.87
C ALA A 54 1.38 -21.31 -23.91
N LYS A 55 0.24 -20.77 -24.34
CA LYS A 55 0.26 -19.70 -25.34
C LYS A 55 1.11 -18.52 -24.89
N TYR A 56 0.96 -18.10 -23.63
CA TYR A 56 1.74 -16.98 -23.13
C TYR A 56 3.22 -17.32 -22.97
N GLN A 57 3.54 -18.38 -22.23
CA GLN A 57 4.95 -18.71 -22.08
C GLN A 57 5.63 -18.75 -23.46
N SER A 58 4.88 -19.18 -24.47
CA SER A 58 5.39 -19.25 -25.84
C SER A 58 5.79 -17.89 -26.38
N LEU A 59 5.00 -16.86 -26.06
CA LEU A 59 5.33 -15.52 -26.51
C LEU A 59 6.60 -15.13 -25.80
N ILE A 60 6.69 -15.48 -24.52
CA ILE A 60 7.87 -15.15 -23.76
C ILE A 60 9.09 -15.77 -24.41
N TYR A 61 9.08 -17.08 -24.54
CA TYR A 61 10.21 -17.78 -25.16
C TYR A 61 10.63 -17.10 -26.46
N LYS A 62 9.71 -16.93 -27.39
CA LYS A 62 10.06 -16.31 -28.66
C LYS A 62 10.58 -14.88 -28.55
N LYS A 63 10.28 -14.20 -27.45
CA LYS A 63 10.75 -12.83 -27.26
C LYS A 63 12.10 -12.74 -26.56
N ILE A 64 12.55 -13.84 -25.96
CA ILE A 64 13.84 -13.82 -25.26
C ILE A 64 14.89 -14.74 -25.87
N ILE A 65 14.48 -15.94 -26.25
CA ILE A 65 15.36 -16.97 -26.82
C ILE A 65 16.63 -16.50 -27.56
N ASN A 66 16.50 -15.49 -28.42
CA ASN A 66 17.62 -14.97 -29.18
C ASN A 66 18.60 -14.14 -28.35
N ASP A 67 18.22 -13.76 -27.14
CA ASP A 67 19.13 -12.98 -26.32
C ASP A 67 19.70 -13.73 -25.11
N LEU A 68 19.33 -14.99 -24.92
CA LEU A 68 19.82 -15.79 -23.79
C LEU A 68 21.22 -16.37 -24.03
N ASP A 69 22.02 -16.48 -22.96
CA ASP A 69 23.36 -17.02 -23.09
C ASP A 69 23.32 -18.36 -23.84
N GLU A 70 24.45 -18.72 -24.44
CA GLU A 70 24.58 -19.97 -25.19
C GLU A 70 24.06 -21.19 -24.44
N GLU A 71 24.56 -21.37 -23.22
CA GLU A 71 24.17 -22.51 -22.38
C GLU A 71 22.66 -22.73 -22.30
N PHE A 72 21.91 -21.63 -22.28
CA PHE A 72 20.46 -21.69 -22.18
C PHE A 72 19.82 -21.95 -23.53
N LYS A 73 20.35 -21.31 -24.57
CA LYS A 73 19.82 -21.50 -25.91
C LYS A 73 19.78 -22.99 -26.25
N VAL A 74 20.81 -23.72 -25.82
CA VAL A 74 20.92 -25.16 -26.05
C VAL A 74 19.77 -25.89 -25.36
N ILE A 75 19.63 -25.65 -24.05
CA ILE A 75 18.57 -26.26 -23.26
C ILE A 75 17.22 -25.98 -23.89
N GLY A 76 17.00 -24.73 -24.25
CA GLY A 76 15.74 -24.36 -24.86
C GLY A 76 15.47 -25.17 -26.11
N LYS A 77 16.47 -25.26 -26.99
CA LYS A 77 16.33 -25.98 -28.26
C LYS A 77 16.03 -27.47 -28.10
N ARG A 78 16.87 -28.20 -27.36
CA ARG A 78 16.65 -29.63 -27.18
C ARG A 78 15.32 -29.89 -26.54
N ALA A 79 14.85 -28.92 -25.76
CA ALA A 79 13.58 -29.01 -25.06
C ALA A 79 12.40 -28.89 -26.03
N LYS A 80 12.56 -28.10 -27.10
CA LYS A 80 11.49 -27.93 -28.07
C LYS A 80 11.19 -29.24 -28.77
N ASN A 81 12.21 -29.86 -29.36
CA ASN A 81 12.02 -31.12 -30.07
C ASN A 81 12.30 -32.34 -29.18
N ILE A 84 5.68 -34.77 -29.55
CA ILE A 84 5.14 -34.94 -28.22
C ILE A 84 4.01 -35.99 -28.20
N LYS A 85 3.47 -36.30 -29.37
CA LYS A 85 2.41 -37.29 -29.50
C LYS A 85 1.22 -36.99 -28.58
N THR A 86 1.11 -35.73 -28.16
CA THR A 86 0.04 -35.28 -27.26
C THR A 86 -0.56 -33.95 -27.78
N PHE A 87 -1.44 -34.03 -28.78
CA PHE A 87 -2.07 -32.83 -29.34
C PHE A 87 -2.56 -31.89 -28.24
N PRO A 88 -1.91 -30.72 -28.09
CA PRO A 88 -2.28 -29.75 -27.06
C PRO A 88 -3.73 -29.30 -27.24
N ARG A 89 -4.33 -28.81 -26.17
CA ARG A 89 -5.72 -28.36 -26.23
C ARG A 89 -5.87 -26.90 -26.63
N SER A 90 -5.49 -26.00 -25.73
CA SER A 90 -5.63 -24.57 -25.96
C SER A 90 -4.60 -23.94 -26.89
N CYS A 91 -3.57 -24.70 -27.24
CA CYS A 91 -2.54 -24.16 -28.12
C CYS A 91 -2.14 -25.16 -29.20
N THR A 92 -1.04 -24.86 -29.89
CA THR A 92 -0.53 -25.72 -30.96
C THR A 92 0.69 -26.49 -30.49
N VAL A 93 1.09 -27.47 -31.29
CA VAL A 93 2.27 -28.27 -30.96
C VAL A 93 3.47 -27.36 -30.71
N MSE A 94 3.75 -26.48 -31.67
CA MSE A 94 4.88 -25.55 -31.57
C MSE A 94 4.85 -24.71 -30.28
O MSE A 94 5.87 -24.56 -29.61
CB MSE A 94 4.89 -24.62 -32.78
CG MSE A 94 6.10 -23.72 -32.86
SE MSE A 94 7.70 -24.70 -33.35
CE MSE A 94 8.45 -23.41 -34.60
N GLU A 95 3.68 -24.16 -29.95
CA GLU A 95 3.52 -23.34 -28.76
C GLU A 95 3.73 -24.13 -27.48
N TYR A 96 3.21 -25.34 -27.45
CA TYR A 96 3.33 -26.18 -26.28
C TYR A 96 4.82 -26.49 -26.06
N LYS A 97 5.52 -26.84 -27.14
CA LYS A 97 6.93 -27.14 -27.06
C LYS A 97 7.69 -25.93 -26.52
N GLU A 98 7.50 -24.77 -27.13
CA GLU A 98 8.19 -23.57 -26.68
C GLU A 98 7.81 -23.24 -25.23
N ALA A 99 6.65 -23.72 -24.81
CA ALA A 99 6.20 -23.49 -23.45
C ALA A 99 7.04 -24.33 -22.49
N THR A 100 7.39 -25.53 -22.96
CA THR A 100 8.21 -26.45 -22.18
C THR A 100 9.67 -26.00 -22.23
N ALA A 101 10.09 -25.53 -23.39
CA ALA A 101 11.45 -25.06 -23.54
C ALA A 101 11.65 -23.89 -22.58
N LEU A 102 10.62 -23.03 -22.48
CA LEU A 102 10.70 -21.89 -21.60
C LEU A 102 10.78 -22.37 -20.15
N GLU A 103 9.92 -23.31 -19.75
CA GLU A 103 9.97 -23.80 -18.38
C GLU A 103 11.25 -24.60 -18.12
N ALA A 104 11.88 -25.05 -19.19
CA ALA A 104 13.10 -25.83 -19.06
C ALA A 104 14.23 -24.87 -18.73
N ILE A 105 14.27 -23.75 -19.46
CA ILE A 105 15.29 -22.74 -19.23
C ILE A 105 15.13 -22.16 -17.82
N ILE A 106 13.90 -21.79 -17.45
CA ILE A 106 13.65 -21.23 -16.13
C ILE A 106 14.12 -22.26 -15.10
N GLY A 107 13.74 -23.52 -15.30
CA GLY A 107 14.14 -24.56 -14.37
C GLY A 107 15.64 -24.65 -14.23
N ALA A 108 16.35 -24.52 -15.35
CA ALA A 108 17.80 -24.61 -15.36
C ALA A 108 18.46 -23.45 -14.63
N MSE A 109 18.05 -22.22 -14.95
CA MSE A 109 18.61 -21.04 -14.32
C MSE A 109 18.56 -21.18 -12.80
O MSE A 109 19.53 -20.88 -12.09
CB MSE A 109 17.85 -19.80 -14.76
CG MSE A 109 17.91 -19.54 -16.28
SE MSE A 109 16.83 -18.00 -16.81
CE MSE A 109 17.53 -17.70 -18.59
N TYR A 110 17.43 -21.67 -12.29
CA TYR A 110 17.28 -21.85 -10.86
C TYR A 110 18.38 -22.78 -10.32
N LEU A 111 18.40 -24.02 -10.81
CA LEU A 111 19.40 -24.99 -10.38
C LEU A 111 20.84 -24.45 -10.47
N LEU A 112 21.07 -23.45 -11.32
CA LEU A 112 22.39 -22.86 -11.46
C LEU A 112 22.48 -21.58 -10.66
N LYS A 113 21.71 -21.48 -9.58
CA LYS A 113 21.73 -20.29 -8.75
C LYS A 113 21.62 -18.98 -9.53
N LYS A 114 21.17 -19.06 -10.79
CA LYS A 114 21.02 -17.87 -11.61
C LYS A 114 19.64 -17.23 -11.45
N GLU A 115 19.16 -17.17 -10.22
CA GLU A 115 17.86 -16.61 -9.91
C GLU A 115 17.76 -15.14 -10.34
N GLU A 116 18.89 -14.52 -10.65
CA GLU A 116 18.85 -13.12 -11.07
C GLU A 116 18.47 -13.05 -12.54
N GLU A 117 18.74 -14.14 -13.26
CA GLU A 117 18.43 -14.22 -14.68
C GLU A 117 16.93 -14.47 -14.84
N ILE A 118 16.34 -15.09 -13.83
CA ILE A 118 14.91 -15.39 -13.85
C ILE A 118 14.12 -14.10 -13.65
N LYS A 119 14.57 -13.26 -12.72
CA LYS A 119 13.90 -11.99 -12.44
C LYS A 119 13.86 -11.09 -13.66
N LYS A 120 14.88 -11.16 -14.49
CA LYS A 120 14.91 -10.31 -15.67
C LYS A 120 13.83 -10.73 -16.68
N ILE A 121 13.57 -12.03 -16.75
CA ILE A 121 12.54 -12.56 -17.64
C ILE A 121 11.18 -12.25 -17.04
N ILE A 122 11.06 -12.40 -15.73
CA ILE A 122 9.81 -12.12 -15.07
C ILE A 122 9.49 -10.62 -15.21
N ASN A 123 10.51 -9.78 -15.26
CA ASN A 123 10.29 -8.36 -15.41
C ASN A 123 9.73 -8.00 -16.79
N ILE A 124 9.95 -8.85 -17.78
CA ILE A 124 9.42 -8.56 -19.10
C ILE A 124 8.00 -9.11 -19.20
N VAL A 125 7.58 -9.82 -18.15
CA VAL A 125 6.24 -10.39 -18.12
C VAL A 125 5.27 -9.35 -17.57
N ILE A 126 5.72 -8.54 -16.63
CA ILE A 126 4.85 -7.52 -16.06
C ILE A 126 5.11 -6.15 -16.67
N LYS A 127 6.27 -5.97 -17.30
CA LYS A 127 6.58 -4.68 -17.92
C LYS A 127 5.67 -4.56 -19.13
N GLY A 128 5.43 -5.70 -19.78
CA GLY A 128 4.56 -5.70 -20.94
C GLY A 128 3.12 -5.81 -20.47
N GLU A 129 2.93 -5.66 -19.16
CA GLU A 129 1.61 -5.74 -18.55
C GLU A 129 1.18 -4.35 -18.04
N LEU A 130 2.13 -3.42 -18.04
CA LEU A 130 1.89 -2.04 -17.59
C LEU A 130 2.69 -1.04 -18.46
N SER B 7 2.82 -3.32 3.62
CA SER B 7 3.01 -4.71 3.08
C SER B 7 3.27 -5.67 4.23
N LYS B 8 2.99 -5.23 5.46
CA LYS B 8 3.21 -6.06 6.63
C LYS B 8 2.41 -7.35 6.55
N ASP B 9 2.76 -8.31 7.39
CA ASP B 9 2.12 -9.62 7.44
C ASP B 9 0.61 -9.56 7.25
N ILE B 10 -0.11 -9.61 8.37
CA ILE B 10 -1.57 -9.58 8.32
C ILE B 10 -2.08 -8.21 7.86
N ARG B 11 -1.15 -7.30 7.58
CA ARG B 11 -1.50 -5.96 7.16
C ARG B 11 -2.45 -5.92 5.97
N ASP B 12 -2.06 -6.61 4.89
CA ASP B 12 -2.87 -6.63 3.68
C ASP B 12 -3.13 -8.05 3.17
N TYR B 13 -2.53 -9.03 3.83
CA TYR B 13 -2.67 -10.43 3.44
C TYR B 13 -3.67 -11.24 4.25
N SER B 14 -4.60 -11.89 3.57
CA SER B 14 -5.59 -12.69 4.26
C SER B 14 -5.19 -14.15 4.29
N GLY B 15 -6.01 -14.96 4.95
CA GLY B 15 -5.71 -16.37 5.04
C GLY B 15 -5.52 -17.01 3.69
N LEU B 16 -6.52 -16.87 2.84
CA LEU B 16 -6.46 -17.45 1.52
C LEU B 16 -5.35 -16.87 0.67
N GLU B 17 -5.10 -15.57 0.77
CA GLU B 17 -4.03 -14.98 -0.03
C GLU B 17 -2.69 -15.56 0.39
N LEU B 18 -2.53 -15.81 1.68
CA LEU B 18 -1.27 -16.35 2.18
C LEU B 18 -1.13 -17.80 1.74
N ALA B 19 -2.25 -18.52 1.74
CA ALA B 19 -2.27 -19.92 1.36
C ALA B 19 -1.95 -20.06 -0.12
N PHE B 20 -2.46 -19.13 -0.92
CA PHE B 20 -2.24 -19.11 -2.36
C PHE B 20 -0.72 -19.12 -2.62
N LEU B 21 0.00 -18.24 -1.96
CA LEU B 21 1.43 -18.18 -2.14
C LEU B 21 2.11 -19.45 -1.58
N GLY B 22 1.75 -19.83 -0.35
CA GLY B 22 2.34 -21.00 0.28
C GLY B 22 2.22 -22.31 -0.48
N ASP B 23 1.10 -22.47 -1.19
CA ASP B 23 0.82 -23.67 -2.00
C ASP B 23 1.85 -23.75 -3.10
N ALA B 24 2.12 -22.63 -3.74
CA ALA B 24 3.07 -22.63 -4.82
C ALA B 24 4.48 -22.90 -4.28
N ILE B 25 4.81 -22.32 -3.13
CA ILE B 25 6.11 -22.49 -2.49
C ILE B 25 6.28 -23.98 -2.15
N TRP B 26 5.32 -24.52 -1.42
CA TRP B 26 5.35 -25.92 -1.08
C TRP B 26 5.59 -26.80 -2.31
N GLU B 27 4.79 -26.63 -3.36
CA GLU B 27 4.99 -27.44 -4.56
C GLU B 27 6.40 -27.37 -5.10
N LEU B 28 6.96 -26.16 -5.17
CA LEU B 28 8.32 -25.97 -5.68
C LEU B 28 9.33 -26.80 -4.88
N GLU B 29 9.24 -26.75 -3.55
CA GLU B 29 10.14 -27.51 -2.67
C GLU B 29 9.95 -29.02 -2.89
N ILE B 30 8.71 -29.49 -2.86
CA ILE B 30 8.50 -30.91 -3.04
C ILE B 30 9.01 -31.35 -4.41
N ARG B 31 8.84 -30.50 -5.40
CA ARG B 31 9.31 -30.85 -6.74
C ARG B 31 10.83 -30.86 -6.82
N LYS B 32 11.47 -29.89 -6.21
CA LYS B 32 12.92 -29.83 -6.21
C LYS B 32 13.51 -31.08 -5.59
N TYR B 33 12.95 -31.50 -4.45
CA TYR B 33 13.46 -32.68 -3.77
C TYR B 33 13.33 -33.99 -4.54
N TYR B 34 12.18 -34.26 -5.16
CA TYR B 34 12.04 -35.51 -5.88
C TYR B 34 12.61 -35.48 -7.27
N LEU B 35 12.89 -34.27 -7.75
CA LEU B 35 13.43 -34.14 -9.09
C LEU B 35 14.94 -34.33 -9.11
N GLN B 36 15.46 -35.13 -8.19
CA GLN B 36 16.89 -35.33 -8.13
C GLN B 36 17.26 -36.81 -8.08
N PHE B 37 16.24 -37.67 -8.04
CA PHE B 37 16.45 -39.10 -7.98
C PHE B 37 16.29 -39.78 -9.34
N GLY B 38 16.28 -38.99 -10.40
CA GLY B 38 16.13 -39.58 -11.72
C GLY B 38 14.89 -40.43 -11.90
N TYR B 39 13.84 -40.13 -11.12
CA TYR B 39 12.59 -40.88 -11.28
C TYR B 39 11.98 -40.53 -12.63
N ASN B 40 11.17 -41.43 -13.16
CA ASN B 40 10.51 -41.17 -14.43
C ASN B 40 9.25 -40.34 -14.17
N ILE B 41 8.79 -39.63 -15.20
CA ILE B 41 7.61 -38.78 -15.10
C ILE B 41 6.47 -39.43 -14.31
N PRO B 42 5.99 -40.60 -14.75
CA PRO B 42 4.90 -41.17 -13.96
C PRO B 42 5.19 -41.36 -12.46
N THR B 43 6.37 -41.82 -12.10
CA THR B 43 6.70 -42.04 -10.69
C THR B 43 6.99 -40.71 -9.99
N LEU B 44 7.67 -39.81 -10.68
CA LEU B 44 7.96 -38.49 -10.14
C LEU B 44 6.66 -37.82 -9.68
N ASN B 45 5.60 -37.98 -10.47
CA ASN B 45 4.31 -37.38 -10.13
C ASN B 45 3.67 -38.04 -8.94
N LYS B 46 3.81 -39.35 -8.83
CA LYS B 46 3.21 -40.07 -7.71
C LYS B 46 3.81 -39.68 -6.35
N TYR B 47 5.13 -39.54 -6.31
CA TYR B 47 5.83 -39.19 -5.08
C TYR B 47 5.53 -37.77 -4.63
N VAL B 48 5.42 -36.86 -5.59
CA VAL B 48 5.14 -35.46 -5.28
C VAL B 48 3.70 -35.30 -4.86
N LYS B 49 2.80 -35.95 -5.60
CA LYS B 49 1.38 -35.89 -5.32
C LYS B 49 1.04 -36.46 -3.94
N ALA B 50 1.92 -37.29 -3.40
CA ALA B 50 1.68 -37.89 -2.08
C ALA B 50 2.06 -36.95 -0.96
N LYS B 51 2.78 -35.88 -1.31
CA LYS B 51 3.23 -34.92 -0.31
C LYS B 51 2.60 -33.54 -0.51
N VAL B 52 1.93 -33.35 -1.64
CA VAL B 52 1.31 -32.08 -1.98
C VAL B 52 -0.17 -32.00 -1.58
N ASN B 53 -0.77 -33.16 -1.27
CA ASN B 53 -2.19 -33.20 -0.89
C ASN B 53 -2.49 -32.69 0.51
N ALA B 54 -3.73 -32.26 0.73
CA ALA B 54 -4.10 -31.72 2.03
C ALA B 54 -4.06 -32.73 3.17
N LYS B 55 -4.43 -33.98 2.89
CA LYS B 55 -4.44 -35.02 3.91
C LYS B 55 -3.06 -35.13 4.57
N TYR B 56 -2.02 -35.06 3.76
CA TYR B 56 -0.64 -35.15 4.26
C TYR B 56 -0.19 -33.82 4.83
N GLN B 57 -0.55 -32.74 4.14
CA GLN B 57 -0.20 -31.39 4.60
C GLN B 57 -0.67 -31.19 6.05
N SER B 58 -1.81 -31.79 6.38
CA SER B 58 -2.38 -31.69 7.73
C SER B 58 -1.46 -32.24 8.82
N LEU B 59 -0.94 -33.45 8.61
CA LEU B 59 -0.06 -34.07 9.59
C LEU B 59 1.21 -33.26 9.79
N ILE B 60 1.69 -32.63 8.72
CA ILE B 60 2.89 -31.80 8.78
C ILE B 60 2.60 -30.61 9.70
N TYR B 61 1.35 -30.15 9.69
CA TYR B 61 0.96 -29.02 10.52
C TYR B 61 0.91 -29.43 11.98
N LYS B 62 0.09 -30.44 12.27
CA LYS B 62 -0.06 -30.95 13.63
C LYS B 62 1.29 -31.40 14.18
N LYS B 63 2.27 -31.47 13.29
CA LYS B 63 3.61 -31.90 13.61
C LYS B 63 4.56 -30.75 13.94
N ILE B 64 4.13 -29.51 13.73
CA ILE B 64 5.01 -28.38 14.01
C ILE B 64 4.33 -27.16 14.61
N ILE B 65 3.01 -27.08 14.46
CA ILE B 65 2.24 -25.94 14.96
C ILE B 65 2.58 -25.55 16.40
N ASN B 66 2.71 -26.54 17.28
CA ASN B 66 3.01 -26.29 18.69
C ASN B 66 4.42 -25.78 18.97
N ASP B 67 5.23 -25.59 17.93
CA ASP B 67 6.59 -25.11 18.15
C ASP B 67 6.92 -23.81 17.41
N LEU B 68 6.27 -23.59 16.28
CA LEU B 68 6.49 -22.39 15.48
C LEU B 68 6.32 -21.08 16.27
N ASP B 69 6.97 -20.01 15.80
CA ASP B 69 6.90 -18.71 16.45
C ASP B 69 5.45 -18.25 16.60
N GLU B 70 5.22 -17.39 17.60
CA GLU B 70 3.90 -16.84 17.87
C GLU B 70 3.20 -16.35 16.61
N GLU B 71 3.80 -15.35 15.96
CA GLU B 71 3.24 -14.78 14.73
C GLU B 71 2.66 -15.84 13.80
N PHE B 72 3.44 -16.90 13.61
CA PHE B 72 3.05 -17.99 12.74
C PHE B 72 1.94 -18.83 13.35
N LYS B 73 1.93 -18.91 14.68
CA LYS B 73 0.90 -19.69 15.35
C LYS B 73 -0.45 -19.00 15.16
N VAL B 74 -0.43 -17.67 15.10
CA VAL B 74 -1.66 -16.89 14.91
C VAL B 74 -2.15 -17.04 13.48
N ILE B 75 -1.22 -16.97 12.53
CA ILE B 75 -1.55 -17.11 11.13
C ILE B 75 -2.26 -18.43 10.91
N GLY B 76 -1.65 -19.51 11.38
CA GLY B 76 -2.26 -20.81 11.21
C GLY B 76 -3.62 -20.87 11.88
N LYS B 77 -3.70 -20.34 13.09
CA LYS B 77 -4.94 -20.34 13.87
C LYS B 77 -6.14 -19.86 13.05
N ARG B 78 -6.12 -18.59 12.68
CA ARG B 78 -7.21 -18.03 11.92
C ARG B 78 -7.42 -18.75 10.60
N ALA B 79 -6.35 -19.34 10.07
CA ALA B 79 -6.41 -20.08 8.81
C ALA B 79 -7.37 -21.27 8.89
N LYS B 80 -7.59 -21.79 10.10
CA LYS B 80 -8.51 -22.91 10.27
C LYS B 80 -9.95 -22.43 10.44
N ASN B 81 -10.36 -21.49 9.57
CA ASN B 81 -11.71 -20.91 9.60
C ASN B 81 -12.04 -20.28 8.26
N THR B 86 -18.30 -26.10 1.74
CA THR B 86 -17.75 -26.85 0.61
C THR B 86 -16.94 -28.05 1.08
N PHE B 87 -17.64 -29.11 1.47
CA PHE B 87 -16.98 -30.34 1.96
C PHE B 87 -15.81 -30.76 1.08
N PRO B 88 -14.67 -31.10 1.72
CA PRO B 88 -13.46 -31.53 1.01
C PRO B 88 -13.70 -32.83 0.24
N ARG B 89 -13.04 -32.95 -0.90
CA ARG B 89 -13.17 -34.11 -1.77
C ARG B 89 -12.56 -35.36 -1.17
N SER B 90 -11.26 -35.31 -0.88
CA SER B 90 -10.61 -36.48 -0.30
C SER B 90 -9.90 -36.24 1.02
N CYS B 91 -10.62 -35.73 2.00
CA CYS B 91 -10.08 -35.49 3.33
C CYS B 91 -11.15 -34.92 4.27
N THR B 92 -10.79 -34.76 5.53
CA THR B 92 -11.73 -34.23 6.51
C THR B 92 -11.73 -32.72 6.44
N VAL B 93 -12.86 -32.12 6.77
CA VAL B 93 -12.97 -30.67 6.76
C VAL B 93 -11.84 -30.14 7.63
N MSE B 94 -11.54 -30.88 8.71
CA MSE B 94 -10.49 -30.53 9.66
C MSE B 94 -9.09 -30.54 9.03
O MSE B 94 -8.24 -29.72 9.38
CB MSE B 94 -10.52 -31.51 10.83
CG MSE B 94 -9.46 -31.27 11.89
SE MSE B 94 -9.69 -29.56 12.77
CE MSE B 94 -10.69 -30.18 14.33
N GLU B 95 -8.87 -31.47 8.11
CA GLU B 95 -7.58 -31.60 7.44
C GLU B 95 -7.39 -30.54 6.36
N TYR B 96 -8.46 -30.23 5.64
CA TYR B 96 -8.36 -29.23 4.59
C TYR B 96 -8.01 -27.87 5.19
N LYS B 97 -8.57 -27.56 6.35
CA LYS B 97 -8.30 -26.30 7.03
C LYS B 97 -6.85 -26.22 7.52
N GLU B 98 -6.39 -27.26 8.20
CA GLU B 98 -5.02 -27.26 8.69
C GLU B 98 -4.08 -27.17 7.49
N ALA B 99 -4.45 -27.83 6.39
CA ALA B 99 -3.62 -27.78 5.18
C ALA B 99 -3.45 -26.33 4.72
N THR B 100 -4.53 -25.57 4.80
CA THR B 100 -4.52 -24.16 4.41
C THR B 100 -3.64 -23.40 5.39
N ALA B 101 -3.77 -23.79 6.65
CA ALA B 101 -3.01 -23.21 7.74
C ALA B 101 -1.55 -23.39 7.45
N LEU B 102 -1.20 -24.57 6.97
CA LEU B 102 0.18 -24.87 6.64
C LEU B 102 0.64 -24.00 5.46
N GLU B 103 -0.11 -23.98 4.36
CA GLU B 103 0.31 -23.19 3.19
C GLU B 103 0.33 -21.70 3.52
N ALA B 104 -0.63 -21.28 4.33
CA ALA B 104 -0.72 -19.89 4.75
C ALA B 104 0.52 -19.52 5.55
N ILE B 105 0.94 -20.39 6.46
CA ILE B 105 2.13 -20.13 7.26
C ILE B 105 3.40 -20.05 6.40
N ILE B 106 3.57 -21.04 5.52
CA ILE B 106 4.71 -21.10 4.59
C ILE B 106 4.75 -19.80 3.81
N GLY B 107 3.61 -19.44 3.22
CA GLY B 107 3.53 -18.22 2.45
C GLY B 107 4.03 -17.04 3.25
N ALA B 108 3.68 -17.00 4.54
CA ALA B 108 4.09 -15.92 5.43
C ALA B 108 5.60 -15.89 5.68
N MSE B 109 6.15 -17.05 6.05
CA MSE B 109 7.58 -17.15 6.30
C MSE B 109 8.34 -16.61 5.10
O MSE B 109 9.26 -15.79 5.24
CB MSE B 109 7.98 -18.61 6.55
CG MSE B 109 7.19 -19.29 7.67
SE MSE B 109 7.86 -21.05 8.13
CE MSE B 109 6.91 -21.31 9.80
N TYR B 110 7.94 -17.06 3.91
CA TYR B 110 8.56 -16.63 2.67
C TYR B 110 8.58 -15.11 2.54
N LEU B 111 7.41 -14.49 2.74
CA LEU B 111 7.29 -13.04 2.65
C LEU B 111 8.15 -12.29 3.66
N LEU B 112 8.24 -12.85 4.86
CA LEU B 112 9.04 -12.26 5.93
C LEU B 112 10.50 -12.62 5.76
N LYS B 113 10.86 -13.12 4.57
CA LYS B 113 12.23 -13.52 4.29
C LYS B 113 12.69 -14.59 5.27
N LYS B 114 11.84 -14.95 6.21
CA LYS B 114 12.16 -15.97 7.21
C LYS B 114 12.28 -17.32 6.51
N GLU B 115 12.97 -17.32 5.37
CA GLU B 115 13.16 -18.54 4.58
C GLU B 115 14.15 -19.53 5.19
N GLU B 116 13.99 -19.80 6.47
CA GLU B 116 14.86 -20.74 7.15
C GLU B 116 13.99 -21.67 7.98
N GLU B 117 12.86 -21.13 8.43
CA GLU B 117 11.90 -21.90 9.21
C GLU B 117 11.19 -22.82 8.24
N ILE B 118 11.36 -22.51 6.96
CA ILE B 118 10.77 -23.28 5.88
C ILE B 118 11.64 -24.51 5.65
N LYS B 119 12.94 -24.27 5.46
CA LYS B 119 13.85 -25.38 5.24
C LYS B 119 13.74 -26.37 6.38
N LYS B 120 13.43 -25.88 7.57
CA LYS B 120 13.30 -26.75 8.73
C LYS B 120 12.01 -27.57 8.69
N ILE B 121 11.01 -27.06 7.95
CA ILE B 121 9.73 -27.76 7.81
C ILE B 121 9.87 -28.78 6.67
N ILE B 122 10.60 -28.38 5.64
CA ILE B 122 10.83 -29.25 4.49
C ILE B 122 11.67 -30.45 4.92
N ASN B 123 12.70 -30.21 5.72
CA ASN B 123 13.57 -31.28 6.20
C ASN B 123 12.78 -32.34 6.95
N ILE B 124 11.69 -31.94 7.60
CA ILE B 124 10.85 -32.88 8.33
C ILE B 124 10.04 -33.71 7.32
N VAL B 125 9.80 -33.14 6.15
CA VAL B 125 9.04 -33.85 5.13
C VAL B 125 9.93 -34.88 4.44
N ILE B 126 11.23 -34.56 4.30
CA ILE B 126 12.16 -35.47 3.66
C ILE B 126 12.56 -36.62 4.57
N LYS B 127 12.63 -36.36 5.88
CA LYS B 127 13.01 -37.39 6.85
C LYS B 127 11.85 -38.34 7.14
N GLY B 128 10.98 -38.53 6.16
CA GLY B 128 9.85 -39.42 6.31
C GLY B 128 9.58 -40.23 5.05
N GLU B 129 10.11 -39.76 3.91
CA GLU B 129 9.92 -40.41 2.62
C GLU B 129 10.74 -39.72 1.52
N SER C 7 -38.38 21.26 -3.73
CA SER C 7 -38.17 22.70 -3.41
C SER C 7 -36.81 23.20 -3.90
N LYS C 8 -36.72 24.50 -4.13
CA LYS C 8 -35.48 25.11 -4.60
C LYS C 8 -34.35 24.91 -3.59
N ASP C 9 -33.12 25.25 -3.99
CA ASP C 9 -31.97 25.10 -3.10
C ASP C 9 -31.99 26.13 -1.99
N ILE C 10 -31.80 27.39 -2.36
CA ILE C 10 -31.79 28.48 -1.39
C ILE C 10 -33.14 28.56 -0.66
N ARG C 11 -34.09 27.70 -1.06
CA ARG C 11 -35.42 27.67 -0.45
C ARG C 11 -35.28 27.34 1.03
N ASP C 12 -35.17 26.04 1.31
CA ASP C 12 -35.01 25.53 2.67
C ASP C 12 -33.88 24.49 2.73
N TYR C 13 -33.15 24.34 1.62
CA TYR C 13 -32.03 23.40 1.54
C TYR C 13 -30.76 24.08 2.01
N SER C 14 -30.45 23.94 3.30
CA SER C 14 -29.25 24.55 3.85
C SER C 14 -28.03 23.81 3.30
N GLY C 15 -26.86 24.36 3.58
CA GLY C 15 -25.62 23.76 3.12
C GLY C 15 -25.36 22.42 3.78
N LEU C 16 -25.83 22.29 5.02
CA LEU C 16 -25.62 21.05 5.71
C LEU C 16 -26.52 19.95 5.15
N GLU C 17 -27.62 20.33 4.52
CA GLU C 17 -28.51 19.32 3.96
C GLU C 17 -28.05 18.92 2.56
N LEU C 18 -27.60 19.89 1.78
CA LEU C 18 -27.12 19.58 0.45
C LEU C 18 -25.90 18.67 0.57
N ALA C 19 -25.02 18.97 1.54
CA ALA C 19 -23.80 18.18 1.74
C ALA C 19 -24.12 16.75 2.14
N PHE C 20 -25.17 16.60 2.94
CA PHE C 20 -25.65 15.31 3.43
C PHE C 20 -26.00 14.47 2.21
N LEU C 21 -26.64 15.12 1.23
CA LEU C 21 -27.02 14.47 -0.01
C LEU C 21 -25.75 14.16 -0.81
N GLY C 22 -24.85 15.12 -0.85
CA GLY C 22 -23.59 14.95 -1.58
C GLY C 22 -22.74 13.82 -1.05
N ASP C 23 -22.67 13.72 0.27
CA ASP C 23 -21.89 12.66 0.90
C ASP C 23 -22.32 11.32 0.30
N ALA C 24 -23.62 11.14 0.11
CA ALA C 24 -24.09 9.87 -0.46
C ALA C 24 -23.84 9.78 -1.97
N ILE C 25 -23.88 10.90 -2.67
CA ILE C 25 -23.64 10.86 -4.12
C ILE C 25 -22.16 10.56 -4.37
N TRP C 26 -21.31 11.14 -3.53
CA TRP C 26 -19.87 10.95 -3.62
C TRP C 26 -19.58 9.48 -3.30
N GLU C 27 -20.13 8.95 -2.21
CA GLU C 27 -19.89 7.53 -1.88
C GLU C 27 -20.24 6.57 -3.02
N LEU C 28 -21.37 6.82 -3.68
CA LEU C 28 -21.81 5.94 -4.74
C LEU C 28 -20.81 5.95 -5.90
N GLU C 29 -20.41 7.14 -6.32
CA GLU C 29 -19.46 7.27 -7.41
C GLU C 29 -18.13 6.57 -7.11
N ILE C 30 -17.48 6.90 -6.00
CA ILE C 30 -16.20 6.26 -5.67
C ILE C 30 -16.34 4.74 -5.56
N ARG C 31 -17.40 4.26 -4.90
CA ARG C 31 -17.59 2.82 -4.79
C ARG C 31 -17.83 2.22 -6.17
N LYS C 32 -18.68 2.86 -6.97
CA LYS C 32 -18.99 2.36 -8.29
C LYS C 32 -17.73 2.22 -9.14
N TYR C 33 -16.80 3.15 -8.97
CA TYR C 33 -15.56 3.12 -9.74
C TYR C 33 -14.57 2.01 -9.34
N TYR C 34 -14.26 1.89 -8.07
CA TYR C 34 -13.31 0.88 -7.64
C TYR C 34 -13.86 -0.52 -7.63
N LEU C 35 -15.17 -0.65 -7.80
CA LEU C 35 -15.75 -1.98 -7.77
C LEU C 35 -15.64 -2.69 -9.14
N GLN C 36 -14.83 -2.14 -10.03
CA GLN C 36 -14.68 -2.73 -11.36
C GLN C 36 -13.31 -3.40 -11.56
N PHE C 37 -12.54 -3.46 -10.49
CA PHE C 37 -11.20 -4.03 -10.59
C PHE C 37 -11.07 -5.44 -10.04
N GLY C 38 -12.03 -5.85 -9.21
CA GLY C 38 -11.97 -7.18 -8.63
C GLY C 38 -11.17 -7.22 -7.34
N TYR C 39 -11.14 -6.09 -6.62
CA TYR C 39 -10.42 -6.01 -5.35
C TYR C 39 -11.23 -6.74 -4.28
N ASN C 40 -10.55 -7.30 -3.28
CA ASN C 40 -11.27 -7.98 -2.19
C ASN C 40 -11.88 -6.92 -1.27
N ILE C 41 -12.96 -7.28 -0.60
CA ILE C 41 -13.65 -6.35 0.28
C ILE C 41 -12.73 -5.44 1.10
N PRO C 42 -11.73 -6.02 1.78
CA PRO C 42 -10.82 -5.21 2.60
C PRO C 42 -10.02 -4.18 1.81
N THR C 43 -9.58 -4.54 0.61
CA THR C 43 -8.80 -3.61 -0.18
C THR C 43 -9.71 -2.56 -0.82
N LEU C 44 -10.86 -3.02 -1.31
CA LEU C 44 -11.84 -2.14 -1.94
C LEU C 44 -12.11 -0.99 -0.97
N ASN C 45 -12.31 -1.32 0.29
CA ASN C 45 -12.56 -0.30 1.27
C ASN C 45 -11.45 0.73 1.38
N LYS C 46 -10.21 0.27 1.45
CA LYS C 46 -9.11 1.21 1.56
C LYS C 46 -9.10 2.22 0.39
N TYR C 47 -9.26 1.75 -0.84
CA TYR C 47 -9.27 2.68 -1.98
C TYR C 47 -10.41 3.68 -1.89
N VAL C 48 -11.60 3.20 -1.56
CA VAL C 48 -12.73 4.12 -1.48
C VAL C 48 -12.52 5.10 -0.32
N LYS C 49 -12.20 4.59 0.86
CA LYS C 49 -11.96 5.47 1.98
C LYS C 49 -10.86 6.48 1.66
N ALA C 50 -9.93 6.11 0.80
CA ALA C 50 -8.87 7.04 0.46
C ALA C 50 -9.37 8.19 -0.37
N LYS C 51 -10.60 8.07 -0.88
CA LYS C 51 -11.19 9.09 -1.75
C LYS C 51 -12.45 9.71 -1.18
N VAL C 52 -12.82 9.29 0.01
CA VAL C 52 -14.00 9.79 0.68
C VAL C 52 -13.65 10.65 1.89
N ASN C 53 -12.40 10.57 2.36
CA ASN C 53 -11.99 11.34 3.53
C ASN C 53 -12.06 12.86 3.29
N ALA C 54 -12.35 13.62 4.33
CA ALA C 54 -12.44 15.07 4.18
C ALA C 54 -11.22 15.69 3.53
N LYS C 55 -10.04 15.14 3.81
CA LYS C 55 -8.80 15.67 3.24
C LYS C 55 -8.82 15.62 1.71
N TYR C 56 -9.20 14.49 1.14
CA TYR C 56 -9.24 14.41 -0.31
C TYR C 56 -10.33 15.27 -0.95
N GLN C 57 -11.47 15.41 -0.29
CA GLN C 57 -12.53 16.24 -0.83
C GLN C 57 -12.02 17.66 -0.81
N SER C 58 -11.28 17.99 0.24
CA SER C 58 -10.72 19.32 0.37
C SER C 58 -9.97 19.70 -0.89
N LEU C 59 -9.04 18.84 -1.27
CA LEU C 59 -8.26 19.10 -2.45
C LEU C 59 -9.16 19.34 -3.67
N ILE C 60 -9.98 18.36 -4.02
CA ILE C 60 -10.86 18.48 -5.18
C ILE C 60 -11.56 19.82 -5.25
N TYR C 61 -12.04 20.27 -4.09
CA TYR C 61 -12.73 21.55 -4.00
C TYR C 61 -11.81 22.66 -4.47
N LYS C 62 -10.69 22.83 -3.80
CA LYS C 62 -9.73 23.89 -4.17
C LYS C 62 -9.37 23.79 -5.64
N LYS C 63 -9.43 22.57 -6.17
CA LYS C 63 -9.08 22.33 -7.54
C LYS C 63 -10.17 22.81 -8.52
N ILE C 64 -11.43 22.51 -8.22
CA ILE C 64 -12.51 22.90 -9.11
C ILE C 64 -13.27 24.19 -8.78
N ILE C 65 -13.37 24.55 -7.50
CA ILE C 65 -14.11 25.75 -7.12
C ILE C 65 -13.79 26.99 -7.95
N ASN C 66 -12.57 27.06 -8.46
CA ASN C 66 -12.19 28.22 -9.24
C ASN C 66 -12.89 28.35 -10.58
N ASP C 67 -13.05 27.22 -11.26
CA ASP C 67 -13.70 27.19 -12.57
C ASP C 67 -15.19 26.82 -12.52
N LEU C 68 -15.72 26.62 -11.33
CA LEU C 68 -17.12 26.26 -11.15
C LEU C 68 -18.01 27.48 -11.35
N ASP C 69 -19.20 27.29 -11.94
CA ASP C 69 -20.13 28.39 -12.16
C ASP C 69 -20.54 29.12 -10.88
N GLU C 70 -20.67 30.45 -10.97
CA GLU C 70 -21.05 31.25 -9.82
C GLU C 70 -22.13 30.60 -8.99
N GLU C 71 -23.20 30.15 -9.64
CA GLU C 71 -24.30 29.51 -8.95
C GLU C 71 -23.78 28.57 -7.85
N PHE C 72 -22.77 27.75 -8.17
CA PHE C 72 -22.19 26.80 -7.21
C PHE C 72 -21.17 27.44 -6.28
N LYS C 73 -20.38 28.39 -6.79
CA LYS C 73 -19.43 29.09 -5.96
C LYS C 73 -20.21 29.62 -4.76
N VAL C 74 -21.43 30.09 -5.02
CA VAL C 74 -22.30 30.64 -3.96
C VAL C 74 -22.64 29.53 -2.97
N ILE C 75 -23.19 28.43 -3.48
CA ILE C 75 -23.55 27.28 -2.67
C ILE C 75 -22.34 26.84 -1.87
N GLY C 76 -21.25 26.61 -2.59
CA GLY C 76 -20.03 26.19 -1.94
C GLY C 76 -19.62 27.11 -0.82
N LYS C 77 -19.68 28.41 -1.07
CA LYS C 77 -19.26 29.36 -0.04
C LYS C 77 -20.17 29.34 1.17
N ARG C 78 -21.47 29.46 0.96
CA ARG C 78 -22.38 29.46 2.10
C ARG C 78 -22.36 28.08 2.76
N ALA C 79 -21.66 27.13 2.15
CA ALA C 79 -21.57 25.79 2.74
C ALA C 79 -20.40 25.76 3.72
N LYS C 80 -19.33 26.48 3.41
CA LYS C 80 -18.17 26.53 4.28
C LYS C 80 -18.52 27.21 5.59
N ASN C 81 -19.68 27.86 5.65
CA ASN C 81 -20.09 28.55 6.87
C ASN C 81 -21.48 28.12 7.33
N ILE C 84 -19.52 21.67 10.52
CA ILE C 84 -19.55 22.53 11.69
C ILE C 84 -19.92 21.71 12.94
N LYS C 85 -20.02 22.37 14.07
CA LYS C 85 -20.34 21.72 15.34
C LYS C 85 -19.28 20.68 15.68
N THR C 86 -19.53 19.44 15.27
CA THR C 86 -18.60 18.34 15.51
C THR C 86 -17.26 18.62 14.83
N PHE C 87 -16.33 19.19 15.60
CA PHE C 87 -14.99 19.53 15.10
C PHE C 87 -14.34 18.44 14.24
N PRO C 88 -13.61 18.84 13.18
CA PRO C 88 -12.95 17.87 12.29
C PRO C 88 -11.91 17.02 13.03
N ARG C 89 -12.25 15.76 13.30
CA ARG C 89 -11.33 14.89 14.03
C ARG C 89 -9.92 14.75 13.42
N SER C 90 -9.82 14.13 12.24
CA SER C 90 -8.55 13.90 11.58
C SER C 90 -8.28 14.78 10.37
N CYS C 91 -8.36 16.08 10.55
CA CYS C 91 -8.10 17.01 9.46
C CYS C 91 -8.31 18.44 9.92
N THR C 92 -7.77 19.37 9.14
CA THR C 92 -7.86 20.79 9.41
C THR C 92 -9.30 21.26 9.36
N VAL C 93 -9.58 22.35 10.07
CA VAL C 93 -10.92 22.89 10.10
C VAL C 93 -11.33 23.31 8.69
N MSE C 94 -10.43 24.03 8.02
CA MSE C 94 -10.71 24.49 6.66
C MSE C 94 -11.01 23.31 5.73
O MSE C 94 -11.89 23.39 4.88
CB MSE C 94 -9.53 25.29 6.13
CG MSE C 94 -9.81 26.03 4.83
SE MSE C 94 -11.42 27.13 4.90
CE MSE C 94 -10.96 28.36 6.34
N GLU C 95 -10.26 22.22 5.89
CA GLU C 95 -10.44 21.04 5.06
C GLU C 95 -11.83 20.44 5.27
N TYR C 96 -12.27 20.33 6.52
CA TYR C 96 -13.60 19.79 6.77
C TYR C 96 -14.66 20.72 6.14
N LYS C 97 -14.40 22.03 6.19
CA LYS C 97 -15.33 22.98 5.60
C LYS C 97 -15.31 22.86 4.07
N GLU C 98 -14.12 22.85 3.50
CA GLU C 98 -14.02 22.75 2.05
C GLU C 98 -14.60 21.42 1.59
N ALA C 99 -14.50 20.42 2.46
CA ALA C 99 -15.02 19.09 2.15
C ALA C 99 -16.54 19.18 2.14
N THR C 100 -17.07 19.88 3.14
CA THR C 100 -18.50 20.03 3.25
C THR C 100 -19.05 20.85 2.08
N ALA C 101 -18.25 21.79 1.58
CA ALA C 101 -18.69 22.62 0.48
C ALA C 101 -18.70 21.84 -0.82
N LEU C 102 -17.73 20.96 -0.97
CA LEU C 102 -17.64 20.15 -2.17
C LEU C 102 -18.87 19.21 -2.19
N GLU C 103 -19.23 18.70 -1.02
CA GLU C 103 -20.36 17.80 -0.94
C GLU C 103 -21.68 18.55 -1.23
N ALA C 104 -21.79 19.78 -0.73
CA ALA C 104 -22.99 20.59 -0.92
C ALA C 104 -23.19 20.94 -2.40
N ILE C 105 -22.08 21.15 -3.08
CA ILE C 105 -22.12 21.45 -4.49
C ILE C 105 -22.58 20.22 -5.27
N ILE C 106 -22.07 19.05 -4.89
CA ILE C 106 -22.47 17.82 -5.58
C ILE C 106 -23.98 17.66 -5.46
N GLY C 107 -24.49 17.60 -4.23
CA GLY C 107 -25.92 17.47 -4.03
C GLY C 107 -26.70 18.52 -4.82
N ALA C 108 -26.18 19.74 -4.83
CA ALA C 108 -26.87 20.79 -5.58
C ALA C 108 -26.91 20.42 -7.05
N MSE C 109 -25.82 19.89 -7.57
CA MSE C 109 -25.79 19.53 -8.97
C MSE C 109 -26.78 18.40 -9.23
O MSE C 109 -27.52 18.42 -10.21
CB MSE C 109 -24.39 19.10 -9.40
CG MSE C 109 -23.34 20.18 -9.21
SE MSE C 109 -21.61 19.51 -9.76
CE MSE C 109 -20.84 21.12 -10.51
N TYR C 110 -26.80 17.41 -8.34
CA TYR C 110 -27.72 16.29 -8.51
C TYR C 110 -29.16 16.82 -8.59
N LEU C 111 -29.61 17.53 -7.57
CA LEU C 111 -30.97 18.06 -7.56
C LEU C 111 -31.26 18.91 -8.79
N LEU C 112 -30.23 19.53 -9.37
CA LEU C 112 -30.41 20.36 -10.56
C LEU C 112 -30.20 19.55 -11.83
N LYS C 113 -30.24 18.22 -11.69
CA LYS C 113 -30.06 17.33 -12.83
C LYS C 113 -28.76 17.58 -13.59
N LYS C 114 -27.89 18.42 -13.06
CA LYS C 114 -26.61 18.72 -13.70
C LYS C 114 -25.66 17.52 -13.57
N GLU C 115 -26.23 16.32 -13.54
CA GLU C 115 -25.44 15.11 -13.40
C GLU C 115 -24.27 15.04 -14.36
N GLU C 116 -24.28 15.92 -15.37
CA GLU C 116 -23.20 15.93 -16.33
C GLU C 116 -21.97 16.58 -15.72
N GLU C 117 -22.19 17.52 -14.82
CA GLU C 117 -21.07 18.21 -14.17
C GLU C 117 -20.47 17.33 -13.09
N ILE C 118 -21.28 16.39 -12.59
CA ILE C 118 -20.82 15.48 -11.54
C ILE C 118 -19.75 14.55 -12.12
N LYS C 119 -19.98 14.10 -13.35
CA LYS C 119 -19.03 13.22 -14.03
C LYS C 119 -17.72 13.94 -14.28
N LYS C 120 -17.79 15.24 -14.53
CA LYS C 120 -16.60 16.05 -14.78
C LYS C 120 -15.73 16.02 -13.53
N ILE C 121 -16.34 16.26 -12.37
CA ILE C 121 -15.61 16.24 -11.11
C ILE C 121 -15.13 14.82 -10.88
N ILE C 122 -16.00 13.84 -11.06
CA ILE C 122 -15.58 12.46 -10.85
C ILE C 122 -14.39 12.05 -11.71
N ASN C 123 -14.36 12.48 -12.97
CA ASN C 123 -13.27 12.11 -13.85
C ASN C 123 -11.94 12.66 -13.36
N ILE C 124 -11.96 13.85 -12.79
CA ILE C 124 -10.74 14.46 -12.25
C ILE C 124 -10.15 13.51 -11.21
N VAL C 125 -11.02 12.84 -10.47
CA VAL C 125 -10.56 11.93 -9.45
C VAL C 125 -9.92 10.69 -10.05
N ILE C 126 -10.57 10.11 -11.06
CA ILE C 126 -10.06 8.91 -11.70
C ILE C 126 -8.83 9.13 -12.59
N LYS C 127 -8.81 10.22 -13.36
CA LYS C 127 -7.65 10.45 -14.23
C LYS C 127 -6.42 10.67 -13.38
N GLY C 128 -6.63 11.05 -12.12
CA GLY C 128 -5.51 11.26 -11.23
C GLY C 128 -5.08 9.95 -10.59
N GLU C 129 -5.93 8.94 -10.74
CA GLU C 129 -5.66 7.62 -10.17
C GLU C 129 -4.94 6.77 -11.21
N LEU C 130 -4.48 7.44 -12.26
CA LEU C 130 -3.75 6.79 -13.35
C LEU C 130 -2.45 7.58 -13.61
N PHE D 6 -18.40 -3.88 -18.00
CA PHE D 6 -17.03 -4.42 -17.81
C PHE D 6 -17.08 -5.93 -17.61
N SER D 7 -17.84 -6.35 -16.59
CA SER D 7 -17.98 -7.77 -16.27
C SER D 7 -19.44 -8.15 -16.08
N LYS D 8 -19.74 -9.43 -16.32
CA LYS D 8 -21.09 -9.95 -16.20
C LYS D 8 -21.56 -9.78 -14.75
N ASP D 9 -22.86 -9.70 -14.57
CA ASP D 9 -23.41 -9.51 -13.24
C ASP D 9 -23.08 -10.69 -12.33
N ILE D 10 -22.44 -11.70 -12.91
CA ILE D 10 -22.09 -12.88 -12.15
C ILE D 10 -20.65 -13.25 -12.42
N ARG D 11 -20.06 -12.64 -13.44
CA ARG D 11 -18.68 -12.92 -13.83
C ARG D 11 -17.79 -12.88 -12.60
N ASP D 12 -17.65 -11.68 -12.04
CA ASP D 12 -16.82 -11.48 -10.85
C ASP D 12 -17.54 -10.58 -9.85
N TYR D 13 -18.88 -10.64 -9.83
CA TYR D 13 -19.67 -9.85 -8.88
C TYR D 13 -20.25 -10.74 -7.78
N SER D 14 -19.58 -10.70 -6.64
CA SER D 14 -19.97 -11.48 -5.48
C SER D 14 -21.06 -10.77 -4.72
N GLY D 15 -21.82 -11.53 -3.92
CA GLY D 15 -22.87 -10.92 -3.13
C GLY D 15 -22.36 -9.72 -2.34
N LEU D 16 -21.21 -9.85 -1.70
CA LEU D 16 -20.65 -8.75 -0.92
C LEU D 16 -20.32 -7.54 -1.78
N GLU D 17 -19.94 -7.79 -3.03
CA GLU D 17 -19.64 -6.71 -3.95
C GLU D 17 -20.95 -6.01 -4.28
N LEU D 18 -21.92 -6.78 -4.77
CA LEU D 18 -23.19 -6.18 -5.11
C LEU D 18 -23.74 -5.44 -3.90
N ALA D 19 -23.75 -6.07 -2.73
CA ALA D 19 -24.24 -5.39 -1.54
C ALA D 19 -23.45 -4.10 -1.20
N PHE D 20 -22.19 -4.03 -1.64
CA PHE D 20 -21.35 -2.85 -1.37
C PHE D 20 -21.91 -1.68 -2.17
N LEU D 21 -22.24 -1.95 -3.43
CA LEU D 21 -22.79 -0.92 -4.29
C LEU D 21 -24.22 -0.60 -3.87
N GLY D 22 -25.01 -1.65 -3.63
CA GLY D 22 -26.40 -1.49 -3.25
C GLY D 22 -26.63 -0.73 -1.96
N ASP D 23 -25.66 -0.82 -1.05
CA ASP D 23 -25.73 -0.14 0.24
C ASP D 23 -25.61 1.36 0.05
N ALA D 24 -24.84 1.76 -0.97
CA ALA D 24 -24.65 3.18 -1.25
C ALA D 24 -25.91 3.76 -1.90
N ILE D 25 -26.43 3.02 -2.87
CA ILE D 25 -27.64 3.40 -3.59
C ILE D 25 -28.78 3.50 -2.58
N TRP D 26 -28.87 2.55 -1.65
CA TRP D 26 -29.93 2.61 -0.66
C TRP D 26 -29.87 3.88 0.19
N GLU D 27 -28.65 4.30 0.56
CA GLU D 27 -28.44 5.52 1.33
C GLU D 27 -28.90 6.75 0.60
N LEU D 28 -28.35 6.91 -0.60
CA LEU D 28 -28.69 8.05 -1.43
C LEU D 28 -30.19 8.14 -1.55
N GLU D 29 -30.84 7.03 -1.91
CA GLU D 29 -32.28 7.04 -2.05
C GLU D 29 -33.01 7.37 -0.76
N ILE D 30 -32.69 6.70 0.35
CA ILE D 30 -33.34 6.99 1.62
C ILE D 30 -33.08 8.44 2.01
N ARG D 31 -31.84 8.89 1.96
CA ARG D 31 -31.57 10.28 2.32
C ARG D 31 -32.33 11.25 1.43
N LYS D 32 -32.27 11.01 0.13
CA LYS D 32 -32.96 11.89 -0.82
C LYS D 32 -34.46 12.12 -0.47
N TYR D 33 -35.16 11.06 -0.06
CA TYR D 33 -36.56 11.17 0.31
C TYR D 33 -36.76 12.03 1.56
N TYR D 34 -36.29 11.56 2.70
CA TYR D 34 -36.42 12.31 3.93
C TYR D 34 -35.76 13.68 3.91
N LEU D 35 -34.81 13.87 3.00
CA LEU D 35 -34.13 15.14 2.95
C LEU D 35 -34.99 16.22 2.30
N GLN D 36 -36.29 16.01 2.22
CA GLN D 36 -37.08 17.04 1.57
C GLN D 36 -38.21 17.59 2.42
N PHE D 37 -38.24 17.20 3.69
CA PHE D 37 -39.26 17.66 4.60
C PHE D 37 -38.73 18.75 5.51
N GLY D 38 -37.45 19.09 5.32
CA GLY D 38 -36.82 20.14 6.10
C GLY D 38 -36.78 19.84 7.58
N TYR D 39 -36.58 18.57 7.91
CA TYR D 39 -36.49 18.13 9.31
C TYR D 39 -35.17 18.63 9.90
N ASN D 40 -35.05 18.63 11.22
CA ASN D 40 -33.80 19.05 11.84
C ASN D 40 -32.86 17.85 11.90
N ILE D 41 -31.57 18.10 12.13
CA ILE D 41 -30.56 17.05 12.19
C ILE D 41 -30.98 15.77 12.93
N PRO D 42 -31.17 15.85 14.26
CA PRO D 42 -31.57 14.65 15.00
C PRO D 42 -32.74 13.84 14.48
N THR D 43 -33.72 14.53 13.89
CA THR D 43 -34.91 13.84 13.37
C THR D 43 -34.61 13.21 12.02
N LEU D 44 -33.96 13.98 11.15
CA LEU D 44 -33.58 13.52 9.83
C LEU D 44 -32.74 12.25 9.95
N ASN D 45 -31.78 12.25 10.88
CA ASN D 45 -30.93 11.09 11.08
C ASN D 45 -31.72 9.93 11.66
N LYS D 46 -32.68 10.25 12.52
CA LYS D 46 -33.52 9.22 13.14
C LYS D 46 -34.29 8.47 12.05
N TYR D 47 -34.80 9.21 11.09
CA TYR D 47 -35.55 8.61 10.02
C TYR D 47 -34.66 7.85 9.05
N VAL D 48 -33.53 8.43 8.68
CA VAL D 48 -32.67 7.73 7.76
C VAL D 48 -32.21 6.40 8.34
N LYS D 49 -31.84 6.38 9.60
CA LYS D 49 -31.39 5.14 10.19
C LYS D 49 -32.51 4.13 10.39
N ALA D 50 -33.73 4.60 10.59
CA ALA D 50 -34.83 3.68 10.77
C ALA D 50 -35.05 2.83 9.53
N LYS D 51 -34.66 3.34 8.37
CA LYS D 51 -34.87 2.65 7.09
C LYS D 51 -33.56 2.14 6.51
N VAL D 52 -32.47 2.48 7.17
CA VAL D 52 -31.15 2.07 6.73
C VAL D 52 -30.62 0.82 7.41
N ASN D 53 -30.93 0.66 8.70
CA ASN D 53 -30.46 -0.50 9.46
C ASN D 53 -30.81 -1.82 8.80
N ALA D 54 -30.08 -2.86 9.17
CA ALA D 54 -30.28 -4.17 8.60
C ALA D 54 -31.60 -4.82 8.99
N LYS D 55 -32.10 -4.49 10.18
CA LYS D 55 -33.34 -5.06 10.67
C LYS D 55 -34.51 -4.69 9.77
N TYR D 56 -34.46 -3.50 9.16
CA TYR D 56 -35.54 -3.09 8.26
C TYR D 56 -35.31 -3.67 6.87
N GLN D 57 -34.06 -3.63 6.41
CA GLN D 57 -33.73 -4.18 5.09
C GLN D 57 -34.24 -5.63 4.97
N SER D 58 -34.32 -6.33 6.09
CA SER D 58 -34.80 -7.71 6.10
C SER D 58 -36.29 -7.77 5.80
N LEU D 59 -37.05 -6.85 6.38
CA LEU D 59 -38.48 -6.84 6.15
C LEU D 59 -38.73 -6.65 4.66
N ILE D 60 -38.01 -5.71 4.05
CA ILE D 60 -38.16 -5.43 2.63
C ILE D 60 -37.86 -6.69 1.83
N TYR D 61 -36.77 -7.37 2.19
CA TYR D 61 -36.38 -8.59 1.48
C TYR D 61 -37.49 -9.62 1.61
N LYS D 62 -37.89 -9.93 2.85
CA LYS D 62 -38.96 -10.90 3.07
C LYS D 62 -40.30 -10.29 2.70
N LYS D 63 -40.38 -9.65 1.55
CA LYS D 63 -41.63 -9.04 1.16
C LYS D 63 -41.68 -8.84 -0.33
N ILE D 64 -40.52 -8.56 -0.91
CA ILE D 64 -40.46 -8.34 -2.34
C ILE D 64 -39.68 -9.45 -3.02
N ILE D 65 -39.14 -10.37 -2.23
CA ILE D 65 -38.34 -11.44 -2.80
C ILE D 65 -39.11 -12.44 -3.68
N ASN D 66 -40.22 -12.94 -3.17
CA ASN D 66 -41.05 -13.91 -3.89
C ASN D 66 -41.70 -13.40 -5.17
N ASP D 67 -41.71 -12.09 -5.36
CA ASP D 67 -42.30 -11.48 -6.55
C ASP D 67 -41.22 -10.83 -7.40
N LEU D 68 -39.97 -11.19 -7.13
CA LEU D 68 -38.87 -10.63 -7.90
C LEU D 68 -38.48 -11.65 -8.97
N ASP D 69 -38.01 -11.18 -10.12
CA ASP D 69 -37.61 -12.08 -11.20
C ASP D 69 -36.56 -13.07 -10.71
N GLU D 70 -36.46 -14.20 -11.38
CA GLU D 70 -35.51 -15.26 -11.03
C GLU D 70 -34.05 -14.82 -11.00
N GLU D 71 -33.73 -13.84 -11.83
CA GLU D 71 -32.37 -13.33 -11.91
C GLU D 71 -31.99 -12.72 -10.56
N PHE D 72 -32.97 -12.11 -9.90
CA PHE D 72 -32.74 -11.47 -8.63
C PHE D 72 -32.91 -12.44 -7.47
N LYS D 73 -33.86 -13.36 -7.61
CA LYS D 73 -34.06 -14.33 -6.54
C LYS D 73 -32.77 -15.13 -6.38
N VAL D 74 -31.97 -15.18 -7.44
CA VAL D 74 -30.71 -15.91 -7.40
C VAL D 74 -29.61 -15.06 -6.80
N ILE D 75 -29.62 -13.77 -7.10
CA ILE D 75 -28.62 -12.85 -6.57
C ILE D 75 -28.74 -12.75 -5.06
N GLY D 76 -29.97 -12.80 -4.57
CA GLY D 76 -30.20 -12.73 -3.14
C GLY D 76 -29.89 -14.02 -2.43
N LYS D 77 -30.21 -15.15 -3.06
CA LYS D 77 -29.95 -16.45 -2.43
C LYS D 77 -28.45 -16.72 -2.32
N ARG D 78 -27.69 -16.28 -3.32
CA ARG D 78 -26.26 -16.47 -3.33
C ARG D 78 -25.60 -15.37 -2.52
N ALA D 79 -26.38 -14.37 -2.11
CA ALA D 79 -25.85 -13.27 -1.31
C ALA D 79 -26.12 -13.54 0.17
N LYS D 80 -27.17 -14.29 0.48
CA LYS D 80 -27.48 -14.60 1.87
C LYS D 80 -26.41 -15.52 2.43
N ASN D 81 -25.69 -16.16 1.52
CA ASN D 81 -24.64 -17.09 1.92
C ASN D 81 -23.26 -16.55 1.57
N SER D 82 -23.22 -15.28 1.16
CA SER D 82 -21.98 -14.63 0.79
C SER D 82 -21.17 -14.26 2.03
N ASN D 83 -21.74 -13.38 2.83
CA ASN D 83 -21.08 -12.91 4.03
C ASN D 83 -20.67 -14.11 4.88
N ILE D 84 -19.56 -13.96 5.59
CA ILE D 84 -19.04 -15.03 6.43
C ILE D 84 -18.53 -14.42 7.74
N LYS D 85 -18.44 -13.10 7.78
CA LYS D 85 -17.96 -12.37 8.95
C LYS D 85 -19.11 -11.78 9.77
N PRO D 88 -22.27 -7.98 11.79
CA PRO D 88 -23.24 -8.75 12.57
C PRO D 88 -23.09 -8.56 14.08
N ARG D 89 -24.00 -7.83 14.70
CA ARG D 89 -23.93 -7.59 16.14
C ARG D 89 -25.15 -6.84 16.70
N SER D 90 -25.63 -5.86 15.95
CA SER D 90 -26.77 -5.05 16.33
C SER D 90 -28.08 -5.71 15.91
N CYS D 91 -27.98 -6.89 15.33
CA CYS D 91 -29.16 -7.63 14.86
C CYS D 91 -28.82 -9.11 14.77
N THR D 92 -29.78 -9.90 14.28
CA THR D 92 -29.59 -11.33 14.16
C THR D 92 -28.70 -11.69 12.97
N VAL D 93 -28.46 -12.98 12.79
CA VAL D 93 -27.64 -13.45 11.68
C VAL D 93 -28.47 -13.46 10.39
N MSE D 94 -29.66 -14.03 10.48
CA MSE D 94 -30.60 -14.12 9.37
C MSE D 94 -30.96 -12.71 8.88
O MSE D 94 -31.06 -12.46 7.68
CB MSE D 94 -31.86 -14.86 9.81
CG MSE D 94 -32.92 -14.98 8.74
SE MSE D 94 -32.29 -16.03 7.25
CE MSE D 94 -33.20 -17.69 7.64
N GLU D 95 -31.18 -11.79 9.82
CA GLU D 95 -31.53 -10.42 9.48
C GLU D 95 -30.41 -9.75 8.70
N TYR D 96 -29.17 -10.08 9.05
CA TYR D 96 -28.03 -9.47 8.37
C TYR D 96 -27.83 -10.06 6.97
N LYS D 97 -28.11 -11.36 6.84
CA LYS D 97 -28.01 -12.05 5.56
C LYS D 97 -29.05 -11.51 4.60
N GLU D 98 -30.25 -11.27 5.11
CA GLU D 98 -31.34 -10.74 4.29
C GLU D 98 -31.05 -9.32 3.82
N ALA D 99 -30.45 -8.50 4.69
CA ALA D 99 -30.11 -7.12 4.35
C ALA D 99 -29.03 -7.07 3.27
N THR D 100 -28.03 -7.93 3.41
CA THR D 100 -26.95 -7.99 2.43
C THR D 100 -27.54 -8.50 1.09
N ALA D 101 -28.52 -9.40 1.19
CA ALA D 101 -29.19 -9.93 0.00
C ALA D 101 -29.99 -8.83 -0.72
N LEU D 102 -30.75 -8.05 0.05
CA LEU D 102 -31.53 -6.96 -0.52
C LEU D 102 -30.56 -5.94 -1.14
N GLU D 103 -29.48 -5.67 -0.42
CA GLU D 103 -28.48 -4.71 -0.90
C GLU D 103 -27.84 -5.27 -2.18
N ALA D 104 -27.67 -6.59 -2.26
CA ALA D 104 -27.09 -7.22 -3.46
C ALA D 104 -28.03 -7.05 -4.68
N ILE D 105 -29.35 -7.21 -4.46
CA ILE D 105 -30.38 -7.07 -5.51
C ILE D 105 -30.35 -5.66 -6.10
N ILE D 106 -30.42 -4.67 -5.20
CA ILE D 106 -30.38 -3.25 -5.57
C ILE D 106 -29.11 -2.99 -6.37
N GLY D 107 -28.00 -3.54 -5.93
CA GLY D 107 -26.76 -3.31 -6.63
C GLY D 107 -26.79 -3.85 -8.04
N ALA D 108 -27.31 -5.06 -8.20
CA ALA D 108 -27.40 -5.69 -9.51
C ALA D 108 -28.32 -4.89 -10.41
N MSE D 109 -29.51 -4.58 -9.90
CA MSE D 109 -30.52 -3.82 -10.64
C MSE D 109 -29.90 -2.54 -11.17
O MSE D 109 -30.11 -2.15 -12.32
CB MSE D 109 -31.71 -3.46 -9.74
CG MSE D 109 -32.52 -4.63 -9.20
SE MSE D 109 -34.10 -4.06 -8.17
CE MSE D 109 -35.11 -5.72 -8.15
N TYR D 110 -29.12 -1.87 -10.32
CA TYR D 110 -28.48 -0.63 -10.71
C TYR D 110 -27.48 -0.85 -11.84
N LEU D 111 -26.84 -2.02 -11.88
CA LEU D 111 -25.85 -2.29 -12.93
C LEU D 111 -26.50 -2.71 -14.23
N LEU D 112 -27.73 -3.20 -14.14
CA LEU D 112 -28.47 -3.64 -15.30
C LEU D 112 -29.41 -2.51 -15.74
N LYS D 113 -29.10 -1.29 -15.35
CA LYS D 113 -29.94 -0.15 -15.71
C LYS D 113 -31.39 -0.36 -15.27
N LYS D 114 -31.63 -1.35 -14.42
CA LYS D 114 -32.97 -1.61 -13.93
C LYS D 114 -33.32 -0.56 -12.88
N GLU D 115 -32.94 0.68 -13.14
CA GLU D 115 -33.20 1.74 -12.19
C GLU D 115 -34.67 2.12 -12.11
N GLU D 116 -35.53 1.13 -12.26
CA GLU D 116 -36.96 1.34 -12.20
C GLU D 116 -37.50 0.35 -11.19
N GLU D 117 -36.90 -0.83 -11.17
CA GLU D 117 -37.32 -1.83 -10.22
C GLU D 117 -36.85 -1.35 -8.85
N ILE D 118 -35.84 -0.49 -8.84
CA ILE D 118 -35.30 0.08 -7.60
C ILE D 118 -36.34 1.10 -7.09
N LYS D 119 -36.82 1.94 -7.99
CA LYS D 119 -37.82 2.93 -7.59
C LYS D 119 -39.00 2.24 -6.89
N LYS D 120 -39.44 1.10 -7.42
CA LYS D 120 -40.55 0.35 -6.84
C LYS D 120 -40.28 -0.14 -5.42
N ILE D 121 -39.03 -0.52 -5.14
CA ILE D 121 -38.67 -1.01 -3.82
C ILE D 121 -38.64 0.12 -2.80
N ILE D 122 -37.94 1.21 -3.07
CA ILE D 122 -37.92 2.27 -2.07
C ILE D 122 -39.29 2.94 -2.06
N ASN D 123 -40.13 2.59 -3.01
CA ASN D 123 -41.46 3.16 -3.11
C ASN D 123 -42.36 2.55 -2.04
N ILE D 124 -42.00 1.36 -1.57
CA ILE D 124 -42.80 0.73 -0.54
C ILE D 124 -42.55 1.46 0.78
N VAL D 125 -41.47 2.25 0.85
CA VAL D 125 -41.23 2.98 2.09
C VAL D 125 -41.83 4.40 2.02
N ILE D 126 -41.68 5.09 0.88
CA ILE D 126 -42.25 6.43 0.75
C ILE D 126 -43.78 6.37 0.70
N LYS D 127 -44.34 5.34 0.08
CA LYS D 127 -45.80 5.19 -0.02
C LYS D 127 -46.30 4.47 1.24
N GLY D 128 -45.88 3.21 1.39
CA GLY D 128 -46.28 2.44 2.55
C GLY D 128 -45.90 3.13 3.84
N SER E 7 12.68 26.22 25.61
CA SER E 7 13.13 25.87 27.00
C SER E 7 14.63 26.06 27.13
N LYS E 8 15.15 25.69 28.30
CA LYS E 8 16.57 25.83 28.56
C LYS E 8 17.32 24.60 28.09
N ASP E 9 18.56 24.82 27.68
CA ASP E 9 19.39 23.75 27.18
C ASP E 9 19.57 22.60 28.14
N ILE E 10 20.24 22.86 29.25
CA ILE E 10 20.49 21.82 30.25
C ILE E 10 19.21 21.29 30.90
N ARG E 11 18.07 21.90 30.56
CA ARG E 11 16.80 21.47 31.13
C ARG E 11 16.35 20.09 30.66
N ASP E 12 15.08 19.97 30.26
CA ASP E 12 14.52 18.69 29.81
C ASP E 12 15.18 18.12 28.56
N TYR E 13 16.24 18.77 28.09
CA TYR E 13 16.94 18.29 26.91
C TYR E 13 17.96 17.26 27.35
N SER E 14 17.56 16.00 27.32
CA SER E 14 18.45 14.94 27.71
C SER E 14 19.58 14.87 26.71
N GLY E 15 20.45 13.88 26.89
CA GLY E 15 21.57 13.73 25.99
C GLY E 15 21.14 13.15 24.65
N LEU E 16 20.29 12.13 24.69
CA LEU E 16 19.82 11.50 23.47
C LEU E 16 18.88 12.46 22.72
N GLU E 17 18.19 13.28 23.50
CA GLU E 17 17.27 14.25 22.95
C GLU E 17 18.05 15.28 22.11
N LEU E 18 19.14 15.79 22.66
CA LEU E 18 19.97 16.76 21.94
C LEU E 18 20.70 16.12 20.75
N ALA E 19 21.02 14.84 20.88
CA ALA E 19 21.72 14.12 19.82
C ALA E 19 20.77 13.85 18.66
N PHE E 20 19.47 13.81 18.97
CA PHE E 20 18.47 13.57 17.95
C PHE E 20 18.55 14.71 16.94
N LEU E 21 18.57 15.93 17.47
CA LEU E 21 18.65 17.12 16.64
C LEU E 21 20.00 17.13 15.93
N GLY E 22 21.07 17.04 16.72
CA GLY E 22 22.43 17.03 16.19
C GLY E 22 22.71 16.07 15.06
N ASP E 23 22.12 14.87 15.12
CA ASP E 23 22.28 13.84 14.09
C ASP E 23 21.71 14.35 12.78
N ALA E 24 20.65 15.16 12.86
CA ALA E 24 20.06 15.69 11.66
C ALA E 24 20.88 16.85 11.15
N ILE E 25 21.43 17.65 12.06
CA ILE E 25 22.24 18.79 11.60
C ILE E 25 23.54 18.30 10.98
N TRP E 26 24.03 17.16 11.45
CA TRP E 26 25.26 16.60 10.92
C TRP E 26 25.03 16.09 9.51
N GLU E 27 23.87 15.49 9.28
CA GLU E 27 23.53 14.97 7.94
C GLU E 27 23.48 16.12 6.97
N LEU E 28 22.62 17.08 7.26
CA LEU E 28 22.45 18.22 6.40
C LEU E 28 23.77 18.88 6.00
N GLU E 29 24.67 19.09 6.94
CA GLU E 29 25.96 19.74 6.60
C GLU E 29 26.86 18.87 5.73
N ILE E 30 26.89 17.57 6.02
CA ILE E 30 27.72 16.68 5.24
C ILE E 30 27.14 16.61 3.85
N ARG E 31 25.91 16.13 3.73
CA ARG E 31 25.29 16.05 2.41
C ARG E 31 25.48 17.34 1.65
N LYS E 32 25.32 18.47 2.33
CA LYS E 32 25.47 19.74 1.65
C LYS E 32 26.88 19.88 1.04
N TYR E 33 27.91 19.44 1.75
CA TYR E 33 29.27 19.56 1.22
C TYR E 33 29.62 18.62 0.07
N TYR E 34 29.27 17.35 0.23
CA TYR E 34 29.54 16.40 -0.81
C TYR E 34 28.50 16.43 -1.92
N LEU E 35 27.61 17.40 -1.87
CA LEU E 35 26.60 17.44 -2.89
C LEU E 35 26.95 18.48 -3.94
N GLN E 36 28.09 19.12 -3.82
CA GLN E 36 28.41 20.16 -4.79
C GLN E 36 29.42 19.79 -5.85
N PHE E 37 30.03 18.61 -5.68
CA PHE E 37 31.05 18.12 -6.59
C PHE E 37 30.49 17.35 -7.79
N GLY E 38 29.20 17.02 -7.75
CA GLY E 38 28.60 16.31 -8.86
C GLY E 38 28.95 14.84 -8.89
N TYR E 39 29.11 14.24 -7.72
CA TYR E 39 29.44 12.82 -7.66
C TYR E 39 28.20 12.02 -8.06
N ASN E 40 28.39 10.82 -8.58
CA ASN E 40 27.24 10.01 -8.94
C ASN E 40 26.68 9.44 -7.65
N ILE E 41 25.46 8.95 -7.69
CA ILE E 41 24.80 8.43 -6.51
C ILE E 41 25.63 7.49 -5.64
N PRO E 42 26.13 6.39 -6.23
CA PRO E 42 26.93 5.45 -5.43
C PRO E 42 28.14 6.10 -4.73
N THR E 43 28.85 6.98 -5.43
CA THR E 43 30.03 7.64 -4.87
C THR E 43 29.63 8.58 -3.75
N LEU E 44 28.62 9.39 -4.02
CA LEU E 44 28.07 10.39 -3.08
C LEU E 44 27.70 9.73 -1.77
N ASN E 45 27.14 8.52 -1.87
CA ASN E 45 26.73 7.79 -0.69
C ASN E 45 27.94 7.39 0.12
N LYS E 46 28.95 6.85 -0.56
CA LYS E 46 30.16 6.40 0.10
C LYS E 46 30.76 7.54 0.92
N TYR E 47 30.91 8.72 0.30
CA TYR E 47 31.48 9.87 1.00
C TYR E 47 30.66 10.31 2.20
N VAL E 48 29.35 10.43 2.02
CA VAL E 48 28.47 10.84 3.11
C VAL E 48 28.51 9.79 4.21
N LYS E 49 28.43 8.52 3.82
CA LYS E 49 28.44 7.44 4.78
C LYS E 49 29.73 7.46 5.62
N ALA E 50 30.88 7.67 4.97
CA ALA E 50 32.13 7.67 5.71
C ALA E 50 32.25 8.73 6.78
N LYS E 51 31.62 9.89 6.59
CA LYS E 51 31.72 10.97 7.57
C LYS E 51 30.50 11.06 8.49
N VAL E 52 29.56 10.14 8.33
CA VAL E 52 28.36 10.14 9.12
C VAL E 52 28.33 8.99 10.12
N ASN E 53 29.06 7.91 9.84
CA ASN E 53 29.10 6.76 10.74
C ASN E 53 29.60 7.10 12.13
N ALA E 54 29.16 6.31 13.11
CA ALA E 54 29.56 6.53 14.49
C ALA E 54 31.08 6.54 14.69
N LYS E 55 31.78 5.58 14.09
CA LYS E 55 33.24 5.56 14.24
C LYS E 55 33.83 6.93 13.95
N TYR E 56 33.57 7.45 12.75
CA TYR E 56 34.12 8.75 12.40
C TYR E 56 33.75 9.87 13.37
N GLN E 57 32.48 9.97 13.73
CA GLN E 57 32.05 11.04 14.66
C GLN E 57 32.93 10.95 15.91
N SER E 58 33.22 9.71 16.30
CA SER E 58 34.06 9.42 17.46
C SER E 58 35.42 10.10 17.30
N LEU E 59 36.02 9.90 16.13
CA LEU E 59 37.30 10.51 15.83
C LEU E 59 37.19 12.02 15.99
N ILE E 60 36.17 12.62 15.36
CA ILE E 60 36.00 14.08 15.47
C ILE E 60 35.79 14.52 16.92
N TYR E 61 35.05 13.73 17.68
CA TYR E 61 34.80 14.03 19.07
C TYR E 61 36.13 14.10 19.83
N LYS E 62 36.87 12.99 19.83
CA LYS E 62 38.14 12.94 20.52
C LYS E 62 39.13 13.99 20.03
N LYS E 63 38.82 14.69 18.95
CA LYS E 63 39.73 15.70 18.45
C LYS E 63 39.37 17.13 18.82
N ILE E 64 38.13 17.36 19.23
CA ILE E 64 37.73 18.72 19.57
C ILE E 64 37.22 18.86 20.98
N ILE E 65 36.91 17.73 21.60
CA ILE E 65 36.37 17.75 22.94
C ILE E 65 37.20 18.54 23.94
N ASN E 66 38.52 18.44 23.86
CA ASN E 66 39.36 19.16 24.81
C ASN E 66 39.44 20.65 24.53
N ASP E 67 39.51 21.03 23.26
CA ASP E 67 39.59 22.44 22.93
C ASP E 67 38.21 23.10 22.79
N LEU E 68 37.20 22.52 23.44
CA LEU E 68 35.85 23.06 23.38
C LEU E 68 35.47 23.67 24.72
N ASP E 69 34.77 24.80 24.69
CA ASP E 69 34.33 25.46 25.91
C ASP E 69 33.79 24.46 26.93
N GLU E 70 34.05 24.75 28.20
CA GLU E 70 33.62 23.90 29.32
C GLU E 70 32.13 23.61 29.23
N GLU E 71 31.39 24.56 28.68
CA GLU E 71 29.94 24.45 28.52
C GLU E 71 29.56 23.19 27.73
N PHE E 72 30.21 22.99 26.59
CA PHE E 72 29.89 21.83 25.77
C PHE E 72 30.52 20.54 26.28
N LYS E 73 31.58 20.64 27.08
CA LYS E 73 32.19 19.43 27.62
C LYS E 73 31.19 18.73 28.55
N VAL E 74 30.41 19.51 29.27
CA VAL E 74 29.41 18.94 30.17
C VAL E 74 28.32 18.20 29.39
N ILE E 75 27.84 18.83 28.32
CA ILE E 75 26.80 18.26 27.47
C ILE E 75 27.28 16.93 26.89
N GLY E 76 28.46 16.94 26.30
CA GLY E 76 29.00 15.73 25.74
C GLY E 76 29.26 14.74 26.85
N LYS E 77 29.76 15.23 27.97
CA LYS E 77 30.08 14.38 29.12
C LYS E 77 28.88 13.55 29.58
N ARG E 78 27.72 14.19 29.81
CA ARG E 78 26.52 13.46 30.23
C ARG E 78 25.87 12.71 29.06
N ALA E 79 26.06 13.23 27.85
CA ALA E 79 25.54 12.62 26.64
C ALA E 79 26.10 11.21 26.47
N LYS E 80 27.37 11.02 26.84
CA LYS E 80 28.00 9.71 26.74
C LYS E 80 27.37 8.72 27.70
N ASN E 81 27.04 9.21 28.89
CA ASN E 81 26.44 8.38 29.92
C ASN E 81 24.93 8.18 29.76
N SER E 82 24.37 8.72 28.67
CA SER E 82 22.93 8.58 28.44
C SER E 82 22.60 7.11 28.13
N ASN E 83 21.32 6.76 28.29
CA ASN E 83 20.87 5.41 28.04
C ASN E 83 20.93 5.01 26.57
N LYS E 85 21.20 2.97 24.71
CA LYS E 85 19.97 2.20 24.72
C LYS E 85 20.22 0.84 24.09
N THR E 86 20.85 0.85 22.93
CA THR E 86 21.17 -0.37 22.20
C THR E 86 22.66 -0.38 21.87
N PHE E 87 23.29 -1.55 21.96
CA PHE E 87 24.72 -1.68 21.66
C PHE E 87 25.05 -1.25 20.23
N PRO E 88 26.34 -0.95 19.95
CA PRO E 88 26.79 -0.53 18.62
C PRO E 88 26.58 -1.59 17.54
N ARG E 89 26.80 -1.19 16.28
CA ARG E 89 26.65 -2.11 15.16
C ARG E 89 27.99 -2.31 14.45
N SER E 90 28.61 -1.20 14.04
CA SER E 90 29.90 -1.24 13.34
C SER E 90 30.98 -0.49 14.14
N CYS E 91 30.69 -0.25 15.41
CA CYS E 91 31.59 0.49 16.28
C CYS E 91 31.66 -0.13 17.67
N THR E 92 32.45 0.49 18.55
CA THR E 92 32.61 0.02 19.91
C THR E 92 31.53 0.64 20.79
N VAL E 93 31.49 0.19 22.03
CA VAL E 93 30.51 0.69 23.00
C VAL E 93 30.90 2.12 23.40
N MSE E 94 32.13 2.47 23.09
CA MSE E 94 32.69 3.79 23.40
C MSE E 94 32.53 4.72 22.19
O MSE E 94 32.25 5.91 22.35
CB MSE E 94 34.17 3.64 23.76
CG MSE E 94 34.92 4.95 24.01
SE MSE E 94 34.23 6.03 25.47
CE MSE E 94 33.87 4.63 26.77
N GLU E 95 32.71 4.16 21.00
CA GLU E 95 32.60 4.93 19.77
C GLU E 95 31.18 5.46 19.62
N TYR E 96 30.21 4.62 19.97
CA TYR E 96 28.82 5.01 19.88
C TYR E 96 28.51 6.06 20.95
N LYS E 97 29.22 6.01 22.07
CA LYS E 97 29.02 6.97 23.15
C LYS E 97 29.58 8.34 22.78
N GLU E 98 30.73 8.36 22.11
CA GLU E 98 31.34 9.64 21.73
C GLU E 98 30.57 10.25 20.55
N ALA E 99 30.00 9.40 19.70
CA ALA E 99 29.24 9.87 18.54
C ALA E 99 27.99 10.62 19.05
N THR E 100 27.22 9.97 19.91
CA THR E 100 26.05 10.61 20.45
C THR E 100 26.44 11.90 21.16
N ALA E 101 27.66 11.95 21.67
CA ALA E 101 28.15 13.14 22.36
C ALA E 101 28.44 14.27 21.38
N LEU E 102 29.07 13.93 20.25
CA LEU E 102 29.37 14.94 19.23
C LEU E 102 28.03 15.46 18.69
N GLU E 103 27.09 14.55 18.43
CA GLU E 103 25.75 14.94 17.95
C GLU E 103 25.09 15.86 18.98
N ALA E 104 24.98 15.38 20.22
CA ALA E 104 24.42 16.13 21.33
C ALA E 104 25.05 17.54 21.47
N ILE E 105 26.34 17.68 21.12
CA ILE E 105 26.98 18.99 21.21
C ILE E 105 26.58 19.88 20.03
N ILE E 106 26.46 19.26 18.84
CA ILE E 106 26.04 19.95 17.62
C ILE E 106 24.62 20.39 17.92
N GLY E 107 23.81 19.46 18.39
CA GLY E 107 22.44 19.79 18.72
C GLY E 107 22.37 20.99 19.63
N ALA E 108 23.12 20.92 20.73
CA ALA E 108 23.13 22.01 21.71
C ALA E 108 23.55 23.33 21.10
N MSE E 109 24.60 23.30 20.29
CA MSE E 109 25.09 24.53 19.66
C MSE E 109 24.03 25.12 18.73
O MSE E 109 23.98 26.34 18.55
CB MSE E 109 26.35 24.27 18.83
CG MSE E 109 27.57 23.88 19.63
SE MSE E 109 29.05 23.45 18.47
CE MSE E 109 30.39 23.12 19.85
N TYR E 110 23.22 24.24 18.14
CA TYR E 110 22.17 24.68 17.23
C TYR E 110 21.10 25.44 18.00
N LEU E 111 20.59 24.80 19.05
CA LEU E 111 19.55 25.38 19.89
C LEU E 111 20.02 26.65 20.58
N LEU E 112 21.33 26.84 20.62
CA LEU E 112 21.89 28.04 21.23
C LEU E 112 22.31 29.00 20.13
N LYS E 113 21.75 28.82 18.94
CA LYS E 113 22.06 29.67 17.81
C LYS E 113 23.56 29.96 17.70
N LYS E 114 24.36 28.93 17.94
CA LYS E 114 25.81 29.04 17.86
C LYS E 114 26.21 28.49 16.49
N GLU E 115 25.49 28.92 15.46
CA GLU E 115 25.73 28.49 14.10
C GLU E 115 27.04 29.08 13.63
N GLU E 116 28.12 28.65 14.24
CA GLU E 116 29.43 29.15 13.85
C GLU E 116 30.46 28.18 14.36
N GLU E 117 30.19 27.66 15.55
CA GLU E 117 31.08 26.67 16.15
C GLU E 117 30.85 25.39 15.35
N ILE E 118 29.63 25.20 14.87
CA ILE E 118 29.30 24.02 14.07
C ILE E 118 30.13 24.08 12.79
N LYS E 119 30.25 25.29 12.25
CA LYS E 119 31.02 25.53 11.04
C LYS E 119 32.47 25.14 11.28
N LYS E 120 33.06 25.77 12.29
CA LYS E 120 34.45 25.52 12.68
C LYS E 120 34.72 24.01 12.77
N ILE E 121 33.75 23.26 13.28
CA ILE E 121 33.86 21.80 13.42
C ILE E 121 33.70 21.04 12.08
N ILE E 122 32.76 21.47 11.25
CA ILE E 122 32.52 20.81 9.96
C ILE E 122 33.69 21.10 9.03
N ASN E 123 34.27 22.27 9.21
CA ASN E 123 35.40 22.71 8.41
C ASN E 123 36.62 21.86 8.69
N ILE E 124 36.60 21.05 9.74
CA ILE E 124 37.79 20.25 10.00
C ILE E 124 37.70 18.97 9.19
N VAL E 125 36.48 18.55 8.92
CA VAL E 125 36.25 17.33 8.16
C VAL E 125 36.26 17.56 6.65
N ILE E 126 36.09 18.81 6.22
CA ILE E 126 36.08 19.05 4.79
C ILE E 126 37.49 19.18 4.22
N LYS E 127 38.34 19.97 4.86
CA LYS E 127 39.70 20.14 4.37
C LYS E 127 40.72 19.29 5.12
N GLY E 128 40.25 18.46 6.04
CA GLY E 128 41.14 17.62 6.79
C GLY E 128 40.58 16.25 7.05
N SER F 7 27.29 27.01 -8.34
CA SER F 7 26.50 25.80 -8.69
C SER F 7 25.01 26.14 -8.62
N LYS F 8 24.41 26.41 -9.78
CA LYS F 8 23.00 26.76 -9.86
C LYS F 8 22.17 25.53 -10.24
N ASP F 9 20.86 25.71 -10.36
CA ASP F 9 19.99 24.59 -10.71
C ASP F 9 20.14 24.21 -12.19
N ILE F 10 20.01 25.21 -13.07
CA ILE F 10 20.13 25.00 -14.51
C ILE F 10 21.59 24.76 -14.91
N ARG F 11 22.43 24.56 -13.90
CA ARG F 11 23.86 24.32 -14.10
C ARG F 11 24.17 22.84 -14.02
N ASP F 12 24.13 22.30 -12.80
CA ASP F 12 24.41 20.89 -12.60
C ASP F 12 23.80 20.33 -11.30
N TYR F 13 22.57 20.74 -10.99
CA TYR F 13 21.86 20.26 -9.79
C TYR F 13 20.63 19.45 -10.22
N SER F 14 20.82 18.15 -10.37
CA SER F 14 19.72 17.29 -10.78
C SER F 14 18.62 17.32 -9.73
N GLY F 15 17.43 16.87 -10.11
CA GLY F 15 16.32 16.86 -9.19
C GLY F 15 16.59 15.92 -8.05
N LEU F 16 17.23 14.80 -8.35
CA LEU F 16 17.51 13.84 -7.31
C LEU F 16 18.54 14.38 -6.30
N GLU F 17 19.49 15.20 -6.77
CA GLU F 17 20.48 15.76 -5.85
C GLU F 17 19.80 16.80 -4.97
N LEU F 18 18.77 17.46 -5.51
CA LEU F 18 18.06 18.47 -4.76
C LEU F 18 17.17 17.83 -3.67
N ALA F 19 16.69 16.62 -3.93
CA ALA F 19 15.84 15.91 -2.98
C ALA F 19 16.69 15.33 -1.84
N PHE F 20 17.90 14.87 -2.19
CA PHE F 20 18.82 14.31 -1.21
C PHE F 20 19.04 15.37 -0.13
N LEU F 21 19.25 16.61 -0.56
CA LEU F 21 19.46 17.71 0.37
C LEU F 21 18.13 18.03 1.04
N GLY F 22 17.07 17.93 0.25
CA GLY F 22 15.74 18.23 0.72
C GLY F 22 15.33 17.31 1.85
N ASP F 23 15.61 16.03 1.70
CA ASP F 23 15.26 15.04 2.71
C ASP F 23 15.93 15.34 4.06
N ALA F 24 17.11 15.97 4.01
CA ALA F 24 17.82 16.31 5.22
C ALA F 24 17.09 17.50 5.84
N ILE F 25 16.99 18.59 5.09
CA ILE F 25 16.28 19.78 5.60
C ILE F 25 14.94 19.40 6.24
N TRP F 26 14.11 18.65 5.52
CA TRP F 26 12.80 18.23 6.02
C TRP F 26 12.95 17.51 7.37
N GLU F 27 13.89 16.57 7.46
CA GLU F 27 14.11 15.87 8.71
C GLU F 27 14.44 16.86 9.85
N LEU F 28 15.41 17.73 9.62
CA LEU F 28 15.79 18.69 10.65
C LEU F 28 14.57 19.44 11.14
N GLU F 29 13.76 19.94 10.21
CA GLU F 29 12.56 20.69 10.57
C GLU F 29 11.56 19.86 11.35
N ILE F 30 11.29 18.63 10.94
CA ILE F 30 10.31 17.87 11.69
C ILE F 30 10.81 17.47 13.06
N ARG F 31 12.08 17.12 13.16
CA ARG F 31 12.68 16.71 14.44
C ARG F 31 12.71 17.88 15.43
N LYS F 32 13.07 19.03 14.91
CA LYS F 32 13.16 20.23 15.71
C LYS F 32 11.80 20.62 16.29
N TYR F 33 10.74 20.35 15.52
CA TYR F 33 9.41 20.71 15.96
C TYR F 33 8.88 19.87 17.12
N TYR F 34 8.93 18.56 16.96
CA TYR F 34 8.43 17.64 17.98
C TYR F 34 9.35 17.51 19.18
N LEU F 35 10.54 18.07 19.06
CA LEU F 35 11.50 17.98 20.13
C LEU F 35 11.21 19.02 21.21
N GLN F 36 10.32 19.96 20.92
CA GLN F 36 9.97 21.01 21.87
C GLN F 36 8.92 20.59 22.88
N PHE F 37 8.44 19.35 22.83
CA PHE F 37 7.39 18.94 23.75
C PHE F 37 7.86 18.09 24.93
N GLY F 38 9.02 17.45 24.79
CA GLY F 38 9.52 16.63 25.87
C GLY F 38 8.98 15.23 25.80
N TYR F 39 8.97 14.64 24.60
CA TYR F 39 8.49 13.28 24.39
C TYR F 39 9.63 12.28 24.58
N ASN F 40 9.30 11.05 24.98
CA ASN F 40 10.33 10.04 25.15
C ASN F 40 10.77 9.70 23.73
N ILE F 41 11.94 9.08 23.60
CA ILE F 41 12.50 8.73 22.30
C ILE F 41 11.57 7.92 21.38
N PRO F 42 10.97 6.84 21.89
CA PRO F 42 10.08 6.07 21.01
C PRO F 42 8.90 6.87 20.47
N THR F 43 8.23 7.63 21.34
CA THR F 43 7.10 8.43 20.91
C THR F 43 7.57 9.50 19.94
N LEU F 44 8.70 10.11 20.28
CA LEU F 44 9.29 11.15 19.47
C LEU F 44 9.48 10.59 18.06
N ASN F 45 9.99 9.36 17.97
CA ASN F 45 10.22 8.76 16.68
C ASN F 45 8.94 8.49 15.90
N LYS F 46 7.95 7.95 16.59
CA LYS F 46 6.67 7.63 15.99
C LYS F 46 6.04 8.89 15.35
N TYR F 47 6.26 10.05 15.96
CA TYR F 47 5.74 11.31 15.44
C TYR F 47 6.49 11.76 14.20
N VAL F 48 7.80 11.99 14.35
CA VAL F 48 8.61 12.44 13.24
C VAL F 48 8.45 11.52 12.04
N LYS F 49 8.35 10.21 12.31
CA LYS F 49 8.20 9.22 11.26
C LYS F 49 6.90 9.41 10.46
N ALA F 50 5.83 9.77 11.14
CA ALA F 50 4.53 9.97 10.51
C ALA F 50 4.48 11.19 9.60
N LYS F 51 5.49 12.05 9.71
CA LYS F 51 5.56 13.28 8.91
C LYS F 51 6.71 13.23 7.91
N VAL F 52 7.61 12.29 8.12
CA VAL F 52 8.79 12.15 7.29
C VAL F 52 8.67 11.03 6.24
N ASN F 53 7.55 10.31 6.25
CA ASN F 53 7.29 9.22 5.29
C ASN F 53 6.76 9.74 3.94
N ALA F 54 7.02 8.98 2.87
CA ALA F 54 6.59 9.36 1.50
C ALA F 54 5.14 9.85 1.38
N LYS F 55 4.19 8.98 1.75
CA LYS F 55 2.77 9.32 1.68
C LYS F 55 2.50 10.72 2.23
N TYR F 56 2.88 10.96 3.47
CA TYR F 56 2.63 12.27 4.06
C TYR F 56 3.22 13.42 3.28
N GLN F 57 4.46 13.27 2.81
CA GLN F 57 5.10 14.33 2.04
C GLN F 57 4.27 14.56 0.78
N SER F 58 3.85 13.46 0.17
CA SER F 58 3.04 13.53 -1.03
C SER F 58 1.86 14.47 -0.87
N LEU F 59 1.10 14.26 0.20
CA LEU F 59 -0.07 15.09 0.49
C LEU F 59 0.31 16.55 0.66
N ILE F 60 1.46 16.80 1.29
CA ILE F 60 1.89 18.18 1.52
C ILE F 60 2.21 18.84 0.20
N TYR F 61 2.70 18.03 -0.74
CA TYR F 61 3.06 18.51 -2.08
C TYR F 61 1.82 19.04 -2.79
N LYS F 62 0.86 18.14 -2.97
CA LYS F 62 -0.39 18.47 -3.64
C LYS F 62 -1.12 19.63 -2.96
N LYS F 63 -0.86 19.80 -1.66
CA LYS F 63 -1.50 20.84 -0.86
C LYS F 63 -0.98 22.27 -1.07
N ILE F 64 0.25 22.41 -1.55
CA ILE F 64 0.81 23.73 -1.79
C ILE F 64 1.59 23.86 -3.08
N ILE F 65 1.31 23.01 -4.06
CA ILE F 65 2.02 23.09 -5.32
C ILE F 65 1.59 24.26 -6.20
N ASN F 66 0.28 24.50 -6.31
CA ASN F 66 -0.26 25.56 -7.15
C ASN F 66 0.09 26.99 -6.76
N ASP F 67 -0.18 27.34 -5.51
CA ASP F 67 0.10 28.68 -5.01
C ASP F 67 1.60 28.95 -4.97
N LEU F 68 2.40 27.90 -5.19
CA LEU F 68 3.86 28.02 -5.19
C LEU F 68 4.33 28.85 -6.39
N ASP F 69 5.53 29.43 -6.30
CA ASP F 69 6.04 30.21 -7.42
C ASP F 69 6.46 29.31 -8.57
N GLU F 70 6.26 29.82 -9.78
CA GLU F 70 6.61 29.06 -10.98
C GLU F 70 7.98 28.39 -10.85
N GLU F 71 9.01 29.15 -10.51
CA GLU F 71 10.36 28.61 -10.36
C GLU F 71 10.36 27.26 -9.65
N PHE F 72 9.72 27.23 -8.48
CA PHE F 72 9.64 26.01 -7.67
C PHE F 72 8.67 25.02 -8.31
N LYS F 73 7.70 25.53 -9.05
CA LYS F 73 6.76 24.63 -9.68
C LYS F 73 7.50 23.77 -10.70
N VAL F 74 8.38 24.39 -11.49
CA VAL F 74 9.17 23.69 -12.50
C VAL F 74 9.95 22.54 -11.86
N ILE F 75 10.75 22.87 -10.85
CA ILE F 75 11.55 21.87 -10.16
C ILE F 75 10.62 20.74 -9.73
N GLY F 76 9.44 21.10 -9.23
CA GLY F 76 8.49 20.08 -8.80
C GLY F 76 8.30 19.04 -9.90
N LYS F 77 7.61 19.45 -10.97
CA LYS F 77 7.33 18.57 -12.09
C LYS F 77 8.62 17.94 -12.62
N ARG F 78 9.69 18.72 -12.68
CA ARG F 78 10.98 18.23 -13.14
C ARG F 78 11.41 17.03 -12.28
N ALA F 79 11.24 17.15 -10.96
CA ALA F 79 11.61 16.08 -10.06
C ALA F 79 10.56 14.95 -10.04
N LYS F 80 9.29 15.30 -10.27
CA LYS F 80 8.23 14.29 -10.27
C LYS F 80 8.65 13.15 -11.20
N ASN F 81 9.35 13.49 -12.28
CA ASN F 81 9.82 12.50 -13.25
C ASN F 81 11.29 12.18 -13.01
N SER F 82 11.53 11.09 -12.28
CA SER F 82 12.89 10.67 -11.94
C SER F 82 13.11 9.19 -12.23
N ASN F 83 13.53 8.44 -11.21
CA ASN F 83 13.79 7.01 -11.35
C ASN F 83 14.21 6.36 -10.04
N THR F 86 12.76 2.62 -8.03
CA THR F 86 12.41 1.33 -7.47
C THR F 86 10.94 1.28 -7.02
N PHE F 87 10.46 0.06 -6.73
CA PHE F 87 9.07 -0.15 -6.28
C PHE F 87 8.94 0.00 -4.77
N PRO F 88 8.33 1.12 -4.31
CA PRO F 88 8.15 1.37 -2.88
C PRO F 88 7.00 0.54 -2.29
N ARG F 89 7.35 -0.52 -1.58
CA ARG F 89 6.34 -1.40 -0.98
C ARG F 89 5.61 -0.72 0.19
N SER F 90 5.79 0.59 0.31
CA SER F 90 5.14 1.37 1.37
C SER F 90 4.28 2.50 0.78
N CYS F 91 4.42 2.74 -0.52
CA CYS F 91 3.64 3.78 -1.19
C CYS F 91 3.55 3.53 -2.69
N THR F 92 2.64 4.25 -3.35
CA THR F 92 2.48 4.08 -4.78
C THR F 92 3.64 4.74 -5.50
N VAL F 93 3.59 4.70 -6.83
CA VAL F 93 4.63 5.29 -7.65
C VAL F 93 4.54 6.81 -7.53
N MSE F 94 3.42 7.38 -7.98
CA MSE F 94 3.21 8.82 -7.95
C MSE F 94 3.43 9.42 -6.56
O MSE F 94 3.86 10.57 -6.42
CB MSE F 94 1.79 9.16 -8.45
CG MSE F 94 1.49 10.66 -8.65
SE MSE F 94 2.26 11.46 -10.27
CE MSE F 94 0.64 11.86 -11.27
N GLU F 95 3.12 8.63 -5.53
CA GLU F 95 3.29 9.09 -4.15
C GLU F 95 4.76 9.30 -3.86
N TYR F 96 5.60 8.40 -4.35
CA TYR F 96 7.02 8.50 -4.14
C TYR F 96 7.60 9.62 -5.01
N LYS F 97 7.04 9.80 -6.20
CA LYS F 97 7.50 10.85 -7.11
C LYS F 97 7.24 12.23 -6.50
N GLU F 98 6.09 12.37 -5.85
CA GLU F 98 5.71 13.64 -5.25
C GLU F 98 6.55 13.98 -4.03
N ALA F 99 6.90 12.94 -3.28
CA ALA F 99 7.71 13.09 -2.10
C ALA F 99 9.07 13.68 -2.50
N THR F 100 9.70 13.07 -3.50
CA THR F 100 10.99 13.56 -3.95
C THR F 100 10.84 14.97 -4.53
N ALA F 101 9.64 15.30 -5.00
CA ALA F 101 9.38 16.62 -5.57
C ALA F 101 9.30 17.68 -4.48
N LEU F 102 8.70 17.33 -3.34
CA LEU F 102 8.62 18.28 -2.25
C LEU F 102 10.04 18.57 -1.76
N GLU F 103 10.78 17.50 -1.54
CA GLU F 103 12.13 17.64 -1.06
C GLU F 103 12.96 18.46 -2.02
N ALA F 104 12.89 18.10 -3.31
CA ALA F 104 13.64 18.82 -4.35
C ALA F 104 13.30 20.29 -4.29
N ILE F 105 12.01 20.58 -4.15
CA ILE F 105 11.62 21.96 -4.05
C ILE F 105 12.24 22.53 -2.79
N ILE F 106 12.09 21.81 -1.67
CA ILE F 106 12.65 22.25 -0.39
C ILE F 106 14.14 22.56 -0.56
N GLY F 107 14.89 21.58 -1.01
CA GLY F 107 16.31 21.78 -1.23
C GLY F 107 16.60 23.04 -2.04
N ALA F 108 15.82 23.23 -3.10
CA ALA F 108 15.99 24.39 -3.95
C ALA F 108 15.79 25.67 -3.15
N MSE F 109 14.78 25.69 -2.30
CA MSE F 109 14.49 26.87 -1.50
C MSE F 109 15.62 27.16 -0.52
O MSE F 109 15.96 28.31 -0.27
CB MSE F 109 13.21 26.70 -0.70
CG MSE F 109 11.99 26.47 -1.54
SE MSE F 109 10.42 26.16 -0.47
CE MSE F 109 9.25 27.45 -1.30
N TYR F 110 16.19 26.09 0.02
CA TYR F 110 17.30 26.24 0.95
C TYR F 110 18.47 26.85 0.17
N LEU F 111 18.97 26.13 -0.82
CA LEU F 111 20.09 26.63 -1.61
C LEU F 111 19.85 28.07 -2.09
N LEU F 112 18.58 28.46 -2.21
CA LEU F 112 18.26 29.81 -2.68
C LEU F 112 18.08 30.80 -1.53
N LYS F 113 18.30 30.33 -0.31
CA LYS F 113 18.17 31.16 0.89
C LYS F 113 16.75 31.66 1.04
N LYS F 114 15.83 30.99 0.37
CA LYS F 114 14.42 31.32 0.42
C LYS F 114 13.84 30.55 1.61
N GLU F 115 14.58 30.54 2.71
CA GLU F 115 14.16 29.83 3.90
C GLU F 115 12.82 30.29 4.43
N GLU F 116 12.48 31.56 4.19
CA GLU F 116 11.22 32.08 4.68
C GLU F 116 10.06 31.35 4.04
N GLU F 117 10.27 30.82 2.84
CA GLU F 117 9.22 30.10 2.16
C GLU F 117 9.12 28.67 2.71
N ILE F 118 10.26 28.12 3.17
CA ILE F 118 10.32 26.77 3.73
C ILE F 118 9.58 26.75 5.07
N LYS F 119 9.69 27.84 5.81
CA LYS F 119 9.01 27.94 7.09
C LYS F 119 7.50 27.89 6.86
N LYS F 120 7.05 28.47 5.76
CA LYS F 120 5.62 28.49 5.39
C LYS F 120 5.12 27.05 5.21
N ILE F 121 5.91 26.25 4.50
CA ILE F 121 5.53 24.86 4.26
C ILE F 121 5.42 24.11 5.59
N ILE F 122 6.41 24.30 6.47
CA ILE F 122 6.40 23.63 7.78
C ILE F 122 5.22 24.12 8.64
N ASN F 123 4.83 25.38 8.45
CA ASN F 123 3.71 25.91 9.21
C ASN F 123 2.39 25.24 8.84
N ILE F 124 2.19 24.98 7.55
CA ILE F 124 0.95 24.33 7.15
C ILE F 124 0.96 22.91 7.71
N VAL F 125 2.14 22.33 7.90
CA VAL F 125 2.22 20.99 8.44
C VAL F 125 1.87 21.01 9.92
N ILE F 126 2.58 21.84 10.67
CA ILE F 126 2.34 21.92 12.10
C ILE F 126 1.00 22.52 12.47
N LYS F 127 0.66 23.67 11.89
CA LYS F 127 -0.62 24.31 12.22
C LYS F 127 -1.77 23.32 12.06
N GLY F 128 -1.53 22.27 11.28
CA GLY F 128 -2.56 21.26 11.09
C GLY F 128 -2.72 20.48 12.39
N GLU F 129 -1.75 20.63 13.28
CA GLU F 129 -1.77 19.95 14.56
C GLU F 129 -2.07 20.89 15.71
N LEU F 130 -1.46 22.07 15.71
CA LEU F 130 -1.70 23.03 16.77
C LEU F 130 -3.15 23.51 16.69
N GLU F 131 -3.81 23.21 15.57
CA GLU F 131 -5.20 23.58 15.38
C GLU F 131 -6.11 22.81 16.31
N HIS F 132 -5.86 21.51 16.45
CA HIS F 132 -6.67 20.66 17.31
C HIS F 132 -6.27 20.82 18.78
N HIS F 133 -5.34 21.73 19.05
CA HIS F 133 -4.87 22.06 20.40
C HIS F 133 -4.14 20.94 21.18
N HIS F 134 -3.76 19.86 20.51
CA HIS F 134 -3.06 18.78 21.20
C HIS F 134 -1.56 19.06 21.18
N HIS F 135 -0.84 18.38 22.08
CA HIS F 135 0.61 18.52 22.27
C HIS F 135 0.89 19.32 23.53
MG MG G . 3.32 -25.06 -17.43
MG MG H . -2.12 -26.60 -2.18
MG MG I . -18.49 12.94 3.86
MG MG J . -26.36 -1.25 5.01
MG MG K . 24.37 9.57 13.47
MG MG L . 12.66 11.34 2.23
#